data_5OSX
#
_entry.id   5OSX
#
_cell.length_a   37.843
_cell.length_b   37.855
_cell.length_c   145.987
_cell.angle_alpha   86.56
_cell.angle_beta   84.56
_cell.angle_gamma   77.05
#
_symmetry.space_group_name_H-M   'P 1'
#
loop_
_entity.id
_entity.type
_entity.pdbx_description
1 polymer 'Eukaryotic translation initiation factor 4E'
2 non-polymer '[(2~{S},3~{S},4~{R},5~{R})-5-(2-azanyl-7-methyl-6-oxidanylidene-3~{H}-purin-7-ium-9-yl)-3,4-bis(oxidanyl)oxolan-2-yl]methylsulfanyl-[[[(3~{R},4~{S})-5-(2-azanyl-6-oxidanylidene-1~{H}-purin-9-yl)-3,4-bis(oxidanyl)oxolan-2-yl]methylsulfanyl-oxidanyl-phosphoryl]oxy-oxidanyl-phosphoryl]oxy-phosphinic acid'
3 non-polymer 'POTASSIUM ION'
4 water water
#
_entity_poly.entity_id   1
_entity_poly.type   'polypeptide(L)'
_entity_poly.pdbx_seq_one_letter_code
;VANPEHYIKHPLQNRWALWFFKNDKSKTWQANLRLISKFDTVEDFWALYNHIQLSSNLMPGCDYSLFKDGIEPMWEDEKN
KRGGRWLITLNKQQRRSDLDRFWLETLLCLIGESFDDYSDDVCGAVVNVRAKGDKIAIWTTECENRDAVTHIGRVYKERL
GLPPKIVIGYQSHADTATKSGSTTKNRFVV
;
_entity_poly.pdbx_strand_id   A,B,C,D
#
loop_
_chem_comp.id
_chem_comp.type
_chem_comp.name
_chem_comp.formula
AKW non-polymer '[(2~{S},3~{S},4~{R},5~{R})-5-(2-azanyl-7-methyl-6-oxidanylidene-3~{H}-purin-7-ium-9-yl)-3,4-bis(oxidanyl)oxolan-2-yl]methylsulfanyl-[[[(3~{R},4~{S})-5-(2-azanyl-6-oxidanylidene-1~{H}-purin-9-yl)-3,4-bis(oxidanyl)oxolan-2-yl]methylsulfanyl-oxidanyl-phosphoryl]oxy-oxidanyl-phosphoryl]oxy-phosphinic acid' 'C21 H30 N10 O16 P3 S2 1'
K non-polymer 'POTASSIUM ION' 'K 1'
#
# COMPACT_ATOMS: atom_id res chain seq x y z
N GLU A 5 39.45 -2.81 -27.92
CA GLU A 5 38.47 -2.67 -26.86
C GLU A 5 37.55 -3.89 -26.80
N HIS A 6 37.40 -4.58 -27.93
CA HIS A 6 36.49 -5.72 -28.05
C HIS A 6 36.99 -6.96 -27.34
N TYR A 7 38.10 -6.89 -26.60
CA TYR A 7 38.67 -8.08 -25.96
C TYR A 7 38.59 -8.01 -24.44
N ILE A 8 37.98 -6.98 -23.88
CA ILE A 8 37.89 -6.80 -22.44
C ILE A 8 36.50 -7.23 -21.97
N LYS A 9 36.45 -8.14 -21.01
CA LYS A 9 35.17 -8.45 -20.39
C LYS A 9 34.67 -7.22 -19.64
N HIS A 10 33.35 -7.10 -19.55
CA HIS A 10 32.73 -5.91 -19.00
C HIS A 10 32.59 -6.06 -17.50
N PRO A 11 33.31 -5.27 -16.70
CA PRO A 11 33.36 -5.53 -15.26
C PRO A 11 32.14 -4.99 -14.56
N LEU A 12 31.59 -5.80 -13.66
CA LEU A 12 30.45 -5.35 -12.89
C LEU A 12 30.91 -4.42 -11.76
N GLN A 13 29.97 -3.64 -11.24
CA GLN A 13 30.31 -2.77 -10.11
C GLN A 13 30.75 -3.61 -8.90
N ASN A 14 30.12 -4.75 -8.68
CA ASN A 14 30.48 -5.65 -7.59
C ASN A 14 30.76 -7.06 -8.10
N ARG A 15 31.51 -7.80 -7.28
CA ARG A 15 31.61 -9.22 -7.47
C ARG A 15 30.46 -9.84 -6.69
N TRP A 16 29.87 -10.86 -7.27
CA TRP A 16 28.65 -11.46 -6.76
C TRP A 16 28.92 -12.93 -6.53
N ALA A 17 28.19 -13.54 -5.59
CA ALA A 17 28.34 -14.96 -5.36
C ALA A 17 26.96 -15.59 -5.47
N LEU A 18 26.88 -16.72 -6.16
CA LEU A 18 25.61 -17.41 -6.36
C LEU A 18 25.62 -18.63 -5.46
N TRP A 19 24.57 -18.77 -4.66
CA TRP A 19 24.44 -19.85 -3.70
C TRP A 19 23.26 -20.73 -4.10
N PHE A 20 23.30 -21.99 -3.64
CA PHE A 20 22.23 -22.95 -3.85
C PHE A 20 21.92 -23.59 -2.51
N PHE A 21 20.64 -23.83 -2.25
CA PHE A 21 20.21 -24.50 -1.04
C PHE A 21 19.33 -25.68 -1.42
N LYS A 22 19.56 -26.82 -0.78
CA LYS A 22 18.68 -27.97 -0.95
C LYS A 22 18.22 -28.45 0.43
N ASN A 23 16.91 -28.64 0.56
CA ASN A 23 16.32 -29.09 1.83
C ASN A 23 16.64 -30.56 2.03
N ASP A 24 17.84 -30.85 2.51
CA ASP A 24 18.19 -32.19 2.95
C ASP A 24 17.99 -32.26 4.47
N LYS A 25 17.08 -33.12 4.92
CA LYS A 25 16.70 -33.11 6.33
CA LYS A 25 16.70 -33.13 6.32
C LYS A 25 17.78 -33.73 7.21
N SER A 26 18.75 -34.42 6.64
CA SER A 26 19.79 -34.99 7.48
C SER A 26 20.85 -33.97 7.88
N LYS A 27 20.82 -32.77 7.32
CA LYS A 27 21.79 -31.76 7.73
C LYS A 27 21.12 -30.52 8.30
N THR A 28 21.93 -29.69 8.95
CA THR A 28 21.47 -28.39 9.42
C THR A 28 21.15 -27.49 8.23
N TRP A 29 20.34 -26.46 8.48
CA TRP A 29 20.05 -25.50 7.42
C TRP A 29 21.32 -24.91 6.84
N GLN A 30 22.29 -24.57 7.69
CA GLN A 30 23.47 -23.86 7.19
C GLN A 30 24.35 -24.78 6.35
N ALA A 31 24.45 -26.06 6.74
CA ALA A 31 25.23 -27.02 5.98
C ALA A 31 24.60 -27.32 4.62
N ASN A 32 23.34 -26.97 4.44
CA ASN A 32 22.65 -27.19 3.18
C ASN A 32 22.87 -26.05 2.20
N LEU A 33 23.40 -24.92 2.67
CA LEU A 33 23.79 -23.80 1.83
C LEU A 33 25.14 -24.08 1.17
N ARG A 34 25.19 -23.99 -0.15
CA ARG A 34 26.42 -24.27 -0.90
C ARG A 34 26.73 -23.10 -1.83
N LEU A 35 27.97 -22.64 -1.81
CA LEU A 35 28.38 -21.63 -2.78
C LEU A 35 28.64 -22.30 -4.12
N ILE A 36 27.98 -21.80 -5.18
CA ILE A 36 28.16 -22.40 -6.50
C ILE A 36 29.37 -21.80 -7.21
N SER A 37 29.35 -20.50 -7.41
CA SER A 37 30.53 -19.84 -7.94
C SER A 37 30.38 -18.34 -7.72
N LYS A 38 31.45 -17.63 -8.00
CA LYS A 38 31.45 -16.18 -8.03
C LYS A 38 31.78 -15.73 -9.44
N PHE A 39 31.34 -14.51 -9.76
CA PHE A 39 31.64 -13.84 -11.01
C PHE A 39 31.69 -12.34 -10.75
N ASP A 40 32.38 -11.60 -11.62
CA ASP A 40 32.41 -10.14 -11.48
CA ASP A 40 32.42 -10.14 -11.48
C ASP A 40 32.39 -9.43 -12.83
N THR A 41 31.92 -10.09 -13.87
CA THR A 41 31.80 -9.53 -15.22
C THR A 41 30.46 -9.93 -15.81
N VAL A 42 30.02 -9.12 -16.77
CA VAL A 42 28.80 -9.41 -17.52
C VAL A 42 28.88 -10.80 -18.16
N GLU A 43 29.97 -11.05 -18.89
CA GLU A 43 30.09 -12.31 -19.62
C GLU A 43 30.05 -13.51 -18.68
N ASP A 44 30.72 -13.40 -17.52
CA ASP A 44 30.75 -14.52 -16.59
C ASP A 44 29.39 -14.72 -15.94
N PHE A 45 28.63 -13.63 -15.77
CA PHE A 45 27.25 -13.75 -15.29
C PHE A 45 26.42 -14.60 -16.23
N TRP A 46 26.42 -14.26 -17.53
CA TRP A 46 25.61 -14.99 -18.50
C TRP A 46 26.13 -16.40 -18.70
N ALA A 47 27.44 -16.61 -18.61
CA ALA A 47 27.96 -17.96 -18.68
C ALA A 47 27.40 -18.80 -17.55
N LEU A 48 27.32 -18.23 -16.35
CA LEU A 48 26.81 -19.00 -15.24
C LEU A 48 25.29 -19.15 -15.34
N TYR A 49 24.58 -18.06 -15.65
CA TYR A 49 23.12 -18.15 -15.77
C TYR A 49 22.70 -19.17 -16.82
N ASN A 50 23.45 -19.23 -17.93
CA ASN A 50 23.11 -20.19 -18.99
C ASN A 50 23.49 -21.62 -18.63
N HIS A 51 24.28 -21.84 -17.59
CA HIS A 51 24.75 -23.16 -17.18
C HIS A 51 23.78 -23.87 -16.24
N ILE A 52 22.96 -23.11 -15.51
CA ILE A 52 22.30 -23.60 -14.32
C ILE A 52 20.79 -23.75 -14.58
N GLN A 53 20.12 -24.48 -13.69
CA GLN A 53 18.69 -24.72 -13.85
C GLN A 53 17.89 -23.45 -13.67
N LEU A 54 16.86 -23.27 -14.49
CA LEU A 54 15.88 -22.23 -14.19
C LEU A 54 15.24 -22.50 -12.83
N SER A 55 14.84 -21.43 -12.15
CA SER A 55 14.23 -21.60 -10.83
C SER A 55 12.95 -22.43 -10.93
N SER A 56 12.24 -22.34 -12.06
CA SER A 56 11.03 -23.13 -12.22
C SER A 56 11.28 -24.62 -12.38
N ASN A 57 12.52 -25.05 -12.61
CA ASN A 57 12.81 -26.46 -12.78
CA ASN A 57 12.84 -26.46 -12.79
C ASN A 57 13.53 -27.07 -11.57
N LEU A 58 13.66 -26.30 -10.48
CA LEU A 58 14.24 -26.85 -9.26
C LEU A 58 13.19 -27.65 -8.48
N MET A 59 13.66 -28.65 -7.74
CA MET A 59 12.77 -29.36 -6.83
C MET A 59 12.25 -28.40 -5.77
N PRO A 60 11.00 -28.54 -5.33
CA PRO A 60 10.50 -27.69 -4.25
C PRO A 60 11.33 -27.87 -2.98
N GLY A 61 11.62 -26.76 -2.32
CA GLY A 61 12.53 -26.76 -1.21
C GLY A 61 13.91 -26.20 -1.52
N CYS A 62 14.23 -25.94 -2.79
CA CYS A 62 15.53 -25.38 -3.09
C CYS A 62 15.46 -23.85 -3.06
N ASP A 63 16.63 -23.22 -2.95
CA ASP A 63 16.76 -21.79 -3.11
C ASP A 63 17.93 -21.50 -4.03
N TYR A 64 17.82 -20.45 -4.81
CA TYR A 64 19.01 -19.74 -5.25
C TYR A 64 19.16 -18.47 -4.44
N SER A 65 20.41 -18.05 -4.26
CA SER A 65 20.72 -16.79 -3.63
C SER A 65 21.86 -16.15 -4.40
N LEU A 66 21.74 -14.86 -4.69
CA LEU A 66 22.85 -14.11 -5.25
C LEU A 66 23.18 -13.00 -4.28
N PHE A 67 24.40 -13.00 -3.75
CA PHE A 67 24.79 -11.98 -2.81
C PHE A 67 26.13 -11.37 -3.22
N LYS A 68 26.30 -10.11 -2.84
CA LYS A 68 27.59 -9.47 -2.95
C LYS A 68 28.65 -10.29 -2.22
N ASP A 69 29.78 -10.48 -2.88
CA ASP A 69 30.86 -11.25 -2.30
C ASP A 69 31.22 -10.74 -0.91
N GLY A 70 31.27 -11.66 0.06
CA GLY A 70 31.52 -11.31 1.44
C GLY A 70 30.28 -11.16 2.30
N ILE A 71 29.09 -11.28 1.72
CA ILE A 71 27.84 -11.29 2.46
C ILE A 71 27.24 -12.68 2.30
N GLU A 72 27.23 -13.45 3.38
CA GLU A 72 26.56 -14.75 3.28
C GLU A 72 25.05 -14.54 3.30
N PRO A 73 24.30 -15.41 2.60
CA PRO A 73 22.84 -15.19 2.44
C PRO A 73 22.04 -15.69 3.63
N MET A 74 22.39 -15.23 4.81
CA MET A 74 21.66 -15.60 6.01
C MET A 74 21.49 -14.37 6.89
N TRP A 75 20.41 -14.37 7.67
CA TRP A 75 20.14 -13.29 8.61
C TRP A 75 21.34 -13.00 9.50
N GLU A 76 22.20 -13.99 9.74
CA GLU A 76 23.24 -13.86 10.76
C GLU A 76 24.37 -12.96 10.30
N ASP A 77 24.54 -12.76 8.99
CA ASP A 77 25.65 -11.97 8.49
C ASP A 77 25.56 -10.55 9.01
N GLU A 78 26.73 -9.96 9.29
CA GLU A 78 26.79 -8.59 9.79
C GLU A 78 25.95 -7.64 8.95
N LYS A 79 25.96 -7.82 7.64
CA LYS A 79 25.25 -6.87 6.78
C LYS A 79 23.78 -7.22 6.58
N ASN A 80 23.31 -8.35 7.13
CA ASN A 80 21.89 -8.66 7.07
C ASN A 80 21.17 -8.48 8.41
N LYS A 81 21.90 -8.48 9.54
CA LYS A 81 21.23 -8.59 10.83
C LYS A 81 20.38 -7.37 11.19
N ARG A 82 20.72 -6.19 10.69
CA ARG A 82 19.88 -5.01 10.92
C ARG A 82 18.93 -4.73 9.76
N GLY A 83 18.88 -5.61 8.76
CA GLY A 83 18.17 -5.33 7.53
C GLY A 83 16.84 -6.07 7.42
N GLY A 84 16.39 -6.19 6.19
CA GLY A 84 15.15 -6.88 5.91
C GLY A 84 15.08 -7.20 4.43
N ARG A 85 13.88 -7.48 3.95
CA ARG A 85 13.73 -7.91 2.57
C ARG A 85 12.45 -7.37 1.98
N TRP A 86 12.51 -7.06 0.70
CA TRP A 86 11.33 -6.79 -0.11
C TRP A 86 10.84 -8.12 -0.67
N LEU A 87 9.60 -8.50 -0.34
CA LEU A 87 9.11 -9.84 -0.62
C LEU A 87 8.09 -9.80 -1.76
N ILE A 88 8.29 -10.66 -2.75
CA ILE A 88 7.32 -10.97 -3.79
C ILE A 88 6.79 -12.37 -3.47
N THR A 89 5.48 -12.51 -3.33
CA THR A 89 4.87 -13.82 -3.10
C THR A 89 4.18 -14.27 -4.38
N LEU A 90 4.56 -15.45 -4.86
CA LEU A 90 4.02 -16.01 -6.09
C LEU A 90 2.99 -17.08 -5.73
N ASN A 91 1.88 -17.12 -6.48
CA ASN A 91 1.00 -18.26 -6.31
C ASN A 91 1.50 -19.41 -7.18
N LYS A 92 0.85 -20.57 -7.05
CA LYS A 92 1.38 -21.75 -7.69
C LYS A 92 1.33 -21.63 -9.21
N GLN A 93 0.38 -20.86 -9.75
CA GLN A 93 0.33 -20.70 -11.20
C GLN A 93 1.42 -19.75 -11.69
N GLN A 94 1.90 -18.87 -10.84
CA GLN A 94 2.97 -17.95 -11.28
C GLN A 94 4.35 -18.60 -11.35
N ARG A 95 4.52 -19.86 -10.89
CA ARG A 95 5.78 -20.53 -11.17
C ARG A 95 5.99 -20.70 -12.67
N ARG A 96 4.91 -20.96 -13.41
CA ARG A 96 5.00 -21.07 -14.85
C ARG A 96 5.13 -19.73 -15.53
N SER A 97 4.32 -18.75 -15.10
CA SER A 97 4.19 -17.49 -15.83
C SER A 97 5.25 -16.46 -15.45
N ASP A 98 5.60 -16.37 -14.15
CA ASP A 98 6.34 -15.21 -13.65
C ASP A 98 7.63 -15.54 -12.91
N LEU A 99 7.75 -16.74 -12.35
CA LEU A 99 8.91 -17.04 -11.51
C LEU A 99 10.22 -16.72 -12.23
N ASP A 100 10.45 -17.36 -13.38
CA ASP A 100 11.76 -17.24 -14.01
C ASP A 100 12.02 -15.81 -14.50
N ARG A 101 11.01 -15.15 -15.08
CA ARG A 101 11.27 -13.82 -15.59
C ARG A 101 11.44 -12.80 -14.46
N PHE A 102 10.63 -12.91 -13.40
CA PHE A 102 10.87 -12.07 -12.21
C PHE A 102 12.25 -12.31 -11.62
N TRP A 103 12.70 -13.58 -11.56
CA TRP A 103 14.00 -13.85 -10.95
C TRP A 103 15.14 -13.26 -11.78
N LEU A 104 15.12 -13.45 -13.10
CA LEU A 104 16.18 -12.90 -13.92
C LEU A 104 16.20 -11.38 -13.85
N GLU A 105 15.02 -10.75 -13.79
CA GLU A 105 14.96 -9.29 -13.61
C GLU A 105 15.57 -8.86 -12.28
N THR A 106 15.27 -9.60 -11.21
CA THR A 106 15.86 -9.35 -9.91
C THR A 106 17.37 -9.42 -9.97
N LEU A 107 17.89 -10.45 -10.66
CA LEU A 107 19.32 -10.60 -10.80
C LEU A 107 19.93 -9.40 -11.54
N LEU A 108 19.22 -8.89 -12.55
CA LEU A 108 19.72 -7.74 -13.30
C LEU A 108 19.66 -6.46 -12.47
N CYS A 109 18.60 -6.27 -11.69
CA CYS A 109 18.55 -5.15 -10.75
C CYS A 109 19.76 -5.16 -9.84
N LEU A 110 20.22 -6.35 -9.44
CA LEU A 110 21.38 -6.43 -8.56
C LEU A 110 22.67 -6.11 -9.31
N ILE A 111 23.00 -6.89 -10.35
CA ILE A 111 24.31 -6.75 -10.97
C ILE A 111 24.42 -5.45 -11.75
N GLY A 112 23.30 -4.92 -12.25
CA GLY A 112 23.25 -3.62 -12.91
C GLY A 112 23.11 -2.41 -11.99
N GLU A 113 23.14 -2.61 -10.66
CA GLU A 113 23.07 -1.53 -9.67
C GLU A 113 21.90 -0.59 -9.97
N SER A 114 20.70 -1.15 -9.96
CA SER A 114 19.57 -0.47 -10.58
C SER A 114 18.88 0.52 -9.65
N PHE A 115 19.27 0.59 -8.40
CA PHE A 115 18.62 1.48 -7.43
C PHE A 115 19.46 2.71 -7.09
N ASP A 116 20.21 3.22 -8.07
CA ASP A 116 20.93 4.50 -7.92
C ASP A 116 21.88 4.41 -6.71
N ASP A 117 21.98 5.46 -5.91
CA ASP A 117 22.85 5.44 -4.74
C ASP A 117 22.46 4.33 -3.79
N TYR A 118 21.17 4.01 -3.72
CA TYR A 118 20.69 3.05 -2.75
C TYR A 118 21.07 1.62 -3.10
N SER A 119 21.67 1.37 -4.26
CA SER A 119 22.16 0.03 -4.56
C SER A 119 23.22 -0.41 -3.56
N ASP A 120 23.88 0.54 -2.89
CA ASP A 120 24.78 0.18 -1.80
C ASP A 120 24.04 -0.47 -0.64
N ASP A 121 22.75 -0.19 -0.47
CA ASP A 121 22.01 -0.83 0.61
C ASP A 121 21.62 -2.28 0.28
N VAL A 122 21.65 -2.66 -0.99
CA VAL A 122 21.32 -4.03 -1.39
C VAL A 122 22.42 -4.97 -0.91
N CYS A 123 22.02 -6.06 -0.27
CA CYS A 123 22.90 -7.17 0.09
C CYS A 123 22.82 -8.31 -0.91
N GLY A 124 21.61 -8.72 -1.27
CA GLY A 124 21.45 -9.70 -2.31
C GLY A 124 19.98 -10.04 -2.49
N ALA A 125 19.73 -11.15 -3.16
CA ALA A 125 18.36 -11.58 -3.40
C ALA A 125 18.30 -13.09 -3.35
N VAL A 126 17.09 -13.58 -3.07
CA VAL A 126 16.80 -14.97 -2.79
C VAL A 126 15.52 -15.35 -3.51
N VAL A 127 15.54 -16.48 -4.20
CA VAL A 127 14.31 -17.10 -4.65
C VAL A 127 14.14 -18.41 -3.90
N ASN A 128 12.95 -18.63 -3.33
CA ASN A 128 12.57 -19.90 -2.70
C ASN A 128 11.56 -20.59 -3.60
N VAL A 129 11.89 -21.80 -4.03
CA VAL A 129 10.97 -22.64 -4.76
C VAL A 129 10.31 -23.51 -3.70
N ARG A 130 8.97 -23.44 -3.61
CA ARG A 130 8.21 -24.10 -2.55
C ARG A 130 6.89 -24.62 -3.11
N ALA A 131 6.54 -25.86 -2.73
CA ALA A 131 5.22 -26.35 -3.08
C ALA A 131 4.14 -25.38 -2.63
N LYS A 132 4.35 -24.72 -1.49
CA LYS A 132 3.33 -23.85 -0.91
C LYS A 132 3.21 -22.52 -1.64
N GLY A 133 4.10 -22.22 -2.58
CA GLY A 133 4.09 -20.95 -3.27
C GLY A 133 5.49 -20.37 -3.28
N ASP A 134 6.01 -19.98 -4.44
CA ASP A 134 7.39 -19.50 -4.53
C ASP A 134 7.50 -18.09 -4.01
N LYS A 135 8.74 -17.68 -3.75
CA LYS A 135 9.02 -16.36 -3.21
C LYS A 135 10.33 -15.87 -3.80
N ILE A 136 10.38 -14.58 -4.07
CA ILE A 136 11.60 -13.88 -4.45
C ILE A 136 11.73 -12.71 -3.49
N ALA A 137 12.95 -12.42 -3.05
CA ALA A 137 13.12 -11.30 -2.16
C ALA A 137 14.45 -10.62 -2.44
N ILE A 138 14.47 -9.29 -2.38
CA ILE A 138 15.72 -8.52 -2.32
C ILE A 138 16.02 -8.20 -0.85
N TRP A 139 17.22 -8.55 -0.41
CA TRP A 139 17.67 -8.23 0.93
C TRP A 139 18.50 -6.94 0.93
N THR A 140 18.16 -6.04 1.86
CA THR A 140 18.85 -4.78 2.04
C THR A 140 19.41 -4.76 3.45
N THR A 141 20.32 -3.81 3.71
CA THR A 141 21.17 -3.96 4.89
C THR A 141 20.62 -3.30 6.15
N GLU A 142 19.65 -2.40 6.05
CA GLU A 142 19.25 -1.64 7.23
C GLU A 142 17.78 -1.24 7.11
N CYS A 143 16.92 -1.87 7.90
CA CYS A 143 15.50 -1.55 7.85
C CYS A 143 15.21 -0.13 8.32
N GLU A 144 16.07 0.46 9.16
CA GLU A 144 15.78 1.78 9.68
C GLU A 144 16.01 2.91 8.67
N ASN A 145 16.61 2.62 7.51
CA ASN A 145 16.81 3.65 6.48
C ASN A 145 15.61 3.64 5.55
N ARG A 146 14.60 4.45 5.89
CA ARG A 146 13.33 4.37 5.16
C ARG A 146 13.47 4.86 3.72
N ASP A 147 14.37 5.82 3.48
CA ASP A 147 14.57 6.32 2.12
C ASP A 147 15.13 5.22 1.22
N ALA A 148 16.16 4.53 1.67
CA ALA A 148 16.75 3.46 0.87
C ALA A 148 15.77 2.32 0.67
N VAL A 149 15.08 1.90 1.75
CA VAL A 149 14.14 0.79 1.64
C VAL A 149 13.02 1.15 0.68
N THR A 150 12.41 2.32 0.88
CA THR A 150 11.27 2.70 0.07
C THR A 150 11.63 2.82 -1.40
N HIS A 151 12.72 3.54 -1.71
CA HIS A 151 13.08 3.75 -3.09
C HIS A 151 13.49 2.46 -3.78
N ILE A 152 14.12 1.53 -3.05
CA ILE A 152 14.40 0.21 -3.63
C ILE A 152 13.11 -0.51 -3.95
N GLY A 153 12.09 -0.35 -3.10
CA GLY A 153 10.87 -1.11 -3.30
C GLY A 153 10.05 -0.57 -4.45
N ARG A 154 10.03 0.76 -4.60
CA ARG A 154 9.32 1.39 -5.71
C ARG A 154 9.95 1.00 -7.05
N VAL A 155 11.28 1.12 -7.15
CA VAL A 155 11.94 0.77 -8.40
C VAL A 155 11.77 -0.71 -8.68
N TYR A 156 11.97 -1.53 -7.64
CA TYR A 156 11.84 -2.98 -7.82
C TYR A 156 10.47 -3.32 -8.37
N LYS A 157 9.43 -2.74 -7.78
CA LYS A 157 8.05 -3.02 -8.19
C LYS A 157 7.81 -2.64 -9.65
N GLU A 158 8.40 -1.52 -10.10
CA GLU A 158 8.19 -1.09 -11.48
C GLU A 158 9.02 -1.92 -12.45
N ARG A 159 10.25 -2.27 -12.07
CA ARG A 159 11.08 -3.12 -12.91
C ARG A 159 10.46 -4.50 -13.09
N LEU A 160 9.78 -5.01 -12.05
CA LEU A 160 9.01 -6.23 -12.20
C LEU A 160 7.74 -6.02 -13.02
N GLY A 161 7.32 -4.77 -13.20
CA GLY A 161 6.11 -4.51 -13.95
C GLY A 161 4.83 -4.80 -13.20
N LEU A 162 4.86 -4.78 -11.87
CA LEU A 162 3.64 -4.98 -11.10
C LEU A 162 2.78 -3.72 -11.16
N PRO A 163 1.47 -3.86 -11.22
CA PRO A 163 0.59 -2.69 -11.22
C PRO A 163 0.37 -2.18 -9.81
N PRO A 164 -0.03 -0.92 -9.65
CA PRO A 164 -0.35 -0.41 -8.30
C PRO A 164 -1.47 -1.18 -7.62
N LYS A 165 -2.31 -1.89 -8.38
CA LYS A 165 -3.27 -2.79 -7.75
C LYS A 165 -2.59 -3.84 -6.89
N ILE A 166 -1.32 -4.13 -7.17
CA ILE A 166 -0.51 -4.99 -6.32
C ILE A 166 0.21 -4.11 -5.32
N VAL A 167 0.39 -4.61 -4.10
CA VAL A 167 1.27 -3.98 -3.14
C VAL A 167 2.23 -5.05 -2.60
N ILE A 168 3.48 -4.66 -2.37
CA ILE A 168 4.50 -5.58 -1.89
C ILE A 168 4.99 -5.06 -0.55
N GLY A 169 5.53 -5.97 0.25
CA GLY A 169 5.85 -5.70 1.64
C GLY A 169 7.34 -5.79 1.90
N TYR A 170 7.81 -5.00 2.87
CA TYR A 170 9.17 -5.09 3.38
C TYR A 170 9.12 -5.61 4.81
N GLN A 171 9.81 -6.70 5.07
CA GLN A 171 9.85 -7.29 6.39
C GLN A 171 11.28 -7.27 6.89
N SER A 172 11.47 -6.85 8.14
CA SER A 172 12.78 -6.92 8.75
C SER A 172 13.09 -8.35 9.16
N HIS A 173 14.35 -8.75 8.97
CA HIS A 173 14.77 -10.11 9.33
C HIS A 173 14.56 -10.39 10.81
N ALA A 174 14.70 -9.38 11.66
CA ALA A 174 14.51 -9.60 13.09
C ALA A 174 13.09 -10.08 13.37
N ASP A 175 12.10 -9.48 12.72
CA ASP A 175 10.74 -9.99 12.81
C ASP A 175 10.64 -11.37 12.17
N THR A 176 11.25 -11.55 11.00
CA THR A 176 11.35 -12.87 10.38
C THR A 176 12.37 -13.76 11.09
N LYS A 185 5.33 -9.77 9.64
CA LYS A 185 4.86 -8.41 9.74
C LYS A 185 5.48 -7.54 8.65
N ASN A 186 4.78 -6.46 8.29
CA ASN A 186 5.19 -5.54 7.24
C ASN A 186 5.62 -4.23 7.87
N ARG A 187 6.85 -3.78 7.58
CA ARG A 187 7.30 -2.48 8.05
C ARG A 187 7.16 -1.39 6.98
N PHE A 188 7.29 -1.73 5.70
CA PHE A 188 7.03 -0.80 4.62
C PHE A 188 6.23 -1.51 3.54
N VAL A 189 5.43 -0.74 2.81
CA VAL A 189 4.64 -1.26 1.70
C VAL A 189 4.69 -0.25 0.57
N VAL A 190 4.91 -0.73 -0.65
CA VAL A 190 4.81 0.11 -1.85
C VAL A 190 3.92 -0.57 -2.89
N GLU B 5 -2.52 44.43 8.95
CA GLU B 5 -1.59 43.73 9.82
C GLU B 5 -2.33 43.06 10.96
N HIS B 6 -2.34 43.71 12.13
CA HIS B 6 -3.14 43.25 13.26
C HIS B 6 -4.60 43.69 13.15
N TYR B 7 -5.01 44.23 12.00
CA TYR B 7 -6.40 44.57 11.75
C TYR B 7 -6.95 43.91 10.48
N ILE B 8 -6.12 43.18 9.73
CA ILE B 8 -6.48 42.61 8.45
C ILE B 8 -6.60 41.11 8.60
N LYS B 9 -7.74 40.55 8.20
CA LYS B 9 -7.85 39.09 8.19
C LYS B 9 -6.83 38.51 7.21
N HIS B 10 -6.41 37.26 7.44
CA HIS B 10 -5.37 36.67 6.61
CA HIS B 10 -5.38 36.69 6.60
C HIS B 10 -6.02 35.98 5.41
N PRO B 11 -5.80 36.45 4.19
CA PRO B 11 -6.49 35.86 3.06
C PRO B 11 -5.92 34.50 2.72
N LEU B 12 -6.81 33.55 2.45
CA LEU B 12 -6.38 32.27 1.95
C LEU B 12 -5.97 32.40 0.49
N GLN B 13 -5.14 31.46 0.04
CA GLN B 13 -4.80 31.38 -1.37
C GLN B 13 -6.04 31.15 -2.23
N ASN B 14 -6.95 30.26 -1.82
CA ASN B 14 -8.19 30.10 -2.56
C ASN B 14 -9.41 30.44 -1.70
N ARG B 15 -10.49 30.78 -2.40
CA ARG B 15 -11.82 30.85 -1.82
C ARG B 15 -12.45 29.46 -1.86
N TRP B 16 -13.01 29.05 -0.73
CA TRP B 16 -13.47 27.68 -0.53
C TRP B 16 -14.97 27.68 -0.29
N ALA B 17 -15.64 26.61 -0.70
CA ALA B 17 -17.05 26.47 -0.46
C ALA B 17 -17.28 25.18 0.32
N LEU B 18 -18.06 25.25 1.39
CA LEU B 18 -18.36 24.06 2.18
C LEU B 18 -19.77 23.61 1.82
N TRP B 19 -19.90 22.32 1.59
CA TRP B 19 -21.13 21.71 1.11
C TRP B 19 -21.56 20.69 2.13
N PHE B 20 -22.88 20.52 2.26
CA PHE B 20 -23.47 19.50 3.09
C PHE B 20 -24.41 18.64 2.25
N PHE B 21 -24.45 17.36 2.58
CA PHE B 21 -25.33 16.43 1.89
C PHE B 21 -26.09 15.66 2.96
N LYS B 22 -27.40 15.53 2.78
CA LYS B 22 -28.23 14.70 3.64
C LYS B 22 -28.90 13.64 2.78
N ASN B 23 -28.84 12.39 3.22
CA ASN B 23 -29.54 11.35 2.48
C ASN B 23 -31.04 11.50 2.68
N ASP B 24 -31.70 12.24 1.81
CA ASP B 24 -33.16 12.33 1.81
C ASP B 24 -33.66 11.57 0.58
N LYS B 25 -34.25 10.39 0.82
CA LYS B 25 -34.73 9.56 -0.28
C LYS B 25 -35.84 10.24 -1.08
N SER B 26 -36.50 11.26 -0.51
CA SER B 26 -37.52 12.01 -1.25
C SER B 26 -36.93 12.78 -2.43
N LYS B 27 -35.63 13.04 -2.43
CA LYS B 27 -35.02 13.95 -3.39
C LYS B 27 -33.90 13.27 -4.19
N THR B 28 -33.63 13.80 -5.39
CA THR B 28 -32.48 13.31 -6.11
C THR B 28 -31.19 13.58 -5.33
N TRP B 29 -30.13 12.86 -5.71
CA TRP B 29 -28.86 13.06 -5.03
C TRP B 29 -28.38 14.50 -5.20
N GLN B 30 -28.52 15.05 -6.40
CA GLN B 30 -28.10 16.44 -6.63
C GLN B 30 -28.90 17.43 -5.77
N ALA B 31 -30.20 17.19 -5.62
CA ALA B 31 -31.05 18.06 -4.81
C ALA B 31 -30.67 18.03 -3.34
N ASN B 32 -29.93 17.00 -2.91
CA ASN B 32 -29.58 16.84 -1.51
C ASN B 32 -28.27 17.52 -1.14
N LEU B 33 -27.52 17.96 -2.15
CA LEU B 33 -26.33 18.79 -1.97
C LEU B 33 -26.73 20.22 -1.68
N ARG B 34 -26.19 20.78 -0.60
CA ARG B 34 -26.55 22.13 -0.15
C ARG B 34 -25.28 22.91 0.12
N LEU B 35 -25.17 24.09 -0.46
CA LEU B 35 -24.01 24.94 -0.22
C LEU B 35 -24.17 25.61 1.15
N ILE B 36 -23.25 25.32 2.05
CA ILE B 36 -23.32 25.83 3.42
C ILE B 36 -22.87 27.28 3.47
N SER B 37 -21.63 27.51 3.06
CA SER B 37 -21.03 28.83 3.19
C SER B 37 -19.77 28.84 2.34
N LYS B 38 -19.30 30.04 2.03
CA LYS B 38 -18.00 30.24 1.43
C LYS B 38 -17.16 31.11 2.33
N PHE B 39 -15.84 30.95 2.22
CA PHE B 39 -14.90 31.71 3.03
C PHE B 39 -13.60 31.86 2.26
N ASP B 40 -12.85 32.91 2.56
CA ASP B 40 -11.56 33.00 1.92
C ASP B 40 -10.53 33.63 2.85
N THR B 41 -10.73 33.51 4.17
CA THR B 41 -9.69 33.93 5.10
C THR B 41 -9.53 32.84 6.16
N VAL B 42 -8.40 32.92 6.86
CA VAL B 42 -8.16 31.99 8.00
C VAL B 42 -9.25 32.17 9.05
N GLU B 43 -9.52 33.43 9.43
CA GLU B 43 -10.47 33.72 10.50
C GLU B 43 -11.86 33.21 10.15
N ASP B 44 -12.28 33.37 8.90
CA ASP B 44 -13.63 32.95 8.53
C ASP B 44 -13.73 31.44 8.44
N PHE B 45 -12.65 30.77 8.01
CA PHE B 45 -12.67 29.31 8.03
C PHE B 45 -12.86 28.79 9.44
N TRP B 46 -12.09 29.33 10.39
CA TRP B 46 -12.23 28.89 11.77
C TRP B 46 -13.58 29.27 12.36
N ALA B 47 -14.09 30.45 12.00
CA ALA B 47 -15.44 30.80 12.44
C ALA B 47 -16.45 29.79 11.93
N LEU B 48 -16.31 29.40 10.66
CA LEU B 48 -17.23 28.41 10.10
C LEU B 48 -17.04 27.06 10.77
N TYR B 49 -15.78 26.63 10.90
CA TYR B 49 -15.51 25.30 11.44
C TYR B 49 -16.04 25.16 12.87
N ASN B 50 -15.95 26.23 13.67
CA ASN B 50 -16.38 26.14 15.06
C ASN B 50 -17.89 26.22 15.22
N HIS B 51 -18.60 26.50 14.13
CA HIS B 51 -20.05 26.71 14.09
C HIS B 51 -20.80 25.43 13.76
N ILE B 52 -20.16 24.50 13.06
CA ILE B 52 -20.85 23.35 12.49
C ILE B 52 -20.50 22.08 13.29
N GLN B 53 -21.31 21.05 13.09
CA GLN B 53 -21.14 19.77 13.80
C GLN B 53 -19.85 19.09 13.37
N LEU B 54 -19.16 18.45 14.32
CA LEU B 54 -18.10 17.54 13.91
C LEU B 54 -18.66 16.43 13.04
N SER B 55 -17.80 15.91 12.15
CA SER B 55 -18.20 14.84 11.26
C SER B 55 -18.68 13.63 12.05
N SER B 56 -18.05 13.37 13.20
CA SER B 56 -18.43 12.19 13.99
C SER B 56 -19.81 12.29 14.62
N ASN B 57 -20.44 13.47 14.55
CA ASN B 57 -21.76 13.72 15.11
C ASN B 57 -22.86 13.82 14.06
N LEU B 58 -22.53 13.69 12.78
CA LEU B 58 -23.56 13.66 11.75
C LEU B 58 -24.31 12.35 11.77
N MET B 59 -25.61 12.42 11.49
CA MET B 59 -26.36 11.20 11.21
C MET B 59 -25.69 10.44 10.08
N PRO B 60 -25.65 9.12 10.12
CA PRO B 60 -25.12 8.35 8.99
C PRO B 60 -25.89 8.69 7.71
N GLY B 61 -25.15 8.71 6.60
CA GLY B 61 -25.65 9.10 5.31
C GLY B 61 -25.20 10.47 4.85
N CYS B 62 -24.71 11.30 5.74
CA CYS B 62 -24.39 12.69 5.42
C CYS B 62 -22.94 12.82 4.95
N ASP B 63 -22.68 13.89 4.19
CA ASP B 63 -21.34 14.21 3.74
C ASP B 63 -21.09 15.67 4.08
N TYR B 64 -19.83 15.99 4.35
CA TYR B 64 -19.32 17.35 4.16
C TYR B 64 -18.43 17.36 2.93
N SER B 65 -18.45 18.44 2.15
CA SER B 65 -17.50 18.56 1.07
C SER B 65 -16.88 19.95 1.16
N LEU B 66 -15.58 20.04 0.95
CA LEU B 66 -14.95 21.36 0.85
C LEU B 66 -14.26 21.44 -0.51
N PHE B 67 -14.74 22.33 -1.38
CA PHE B 67 -14.19 22.46 -2.72
C PHE B 67 -13.85 23.92 -3.05
N LYS B 68 -12.82 24.09 -3.87
CA LYS B 68 -12.47 25.41 -4.36
C LYS B 68 -13.72 26.03 -4.96
N ASP B 69 -13.92 27.31 -4.71
CA ASP B 69 -15.13 27.93 -5.21
C ASP B 69 -15.14 27.88 -6.72
N GLY B 70 -16.28 27.49 -7.29
CA GLY B 70 -16.42 27.27 -8.71
C GLY B 70 -16.42 25.82 -9.11
N ILE B 71 -15.97 24.92 -8.23
CA ILE B 71 -16.00 23.49 -8.47
C ILE B 71 -17.11 22.88 -7.63
N GLU B 72 -18.12 22.33 -8.29
CA GLU B 72 -19.13 21.61 -7.56
C GLU B 72 -18.59 20.25 -7.11
N PRO B 73 -19.00 19.72 -5.84
CA PRO B 73 -18.43 18.45 -5.38
C PRO B 73 -19.15 17.26 -6.00
N MET B 74 -19.12 17.18 -7.34
CA MET B 74 -19.68 16.05 -8.09
C MET B 74 -18.70 15.62 -9.18
N TRP B 75 -18.82 14.37 -9.61
CA TRP B 75 -17.96 13.88 -10.68
C TRP B 75 -18.18 14.66 -11.96
N GLU B 76 -19.36 15.23 -12.14
CA GLU B 76 -19.74 15.77 -13.43
C GLU B 76 -19.06 17.10 -13.72
N ASP B 77 -18.52 17.76 -12.71
CA ASP B 77 -17.84 19.03 -12.94
C ASP B 77 -16.69 18.85 -13.91
N GLU B 78 -16.54 19.81 -14.84
CA GLU B 78 -15.41 19.76 -15.76
C GLU B 78 -14.08 19.57 -15.05
N LYS B 79 -13.95 20.03 -13.81
CA LYS B 79 -12.69 19.90 -13.10
C LYS B 79 -12.58 18.63 -12.28
N ASN B 80 -13.64 17.83 -12.19
CA ASN B 80 -13.54 16.50 -11.59
C ASN B 80 -13.70 15.36 -12.58
N LYS B 81 -14.29 15.61 -13.75
CA LYS B 81 -14.60 14.52 -14.68
C LYS B 81 -13.38 13.70 -15.04
N ARG B 82 -12.22 14.33 -15.20
CA ARG B 82 -11.00 13.62 -15.58
C ARG B 82 -10.11 13.28 -14.39
N GLY B 83 -10.58 13.53 -13.16
CA GLY B 83 -9.78 13.32 -11.98
C GLY B 83 -10.18 12.08 -11.21
N GLY B 84 -9.82 12.07 -9.94
CA GLY B 84 -10.06 10.96 -9.05
C GLY B 84 -9.79 11.41 -7.62
N ARG B 85 -9.68 10.43 -6.73
CA ARG B 85 -9.58 10.73 -5.30
C ARG B 85 -8.57 9.83 -4.62
N TRP B 86 -7.84 10.40 -3.66
CA TRP B 86 -7.09 9.60 -2.68
C TRP B 86 -8.04 9.24 -1.56
N LEU B 87 -8.25 7.94 -1.33
CA LEU B 87 -9.31 7.48 -0.46
C LEU B 87 -8.77 6.95 0.85
N ILE B 88 -9.31 7.44 1.96
CA ILE B 88 -9.02 6.92 3.30
C ILE B 88 -10.28 6.18 3.74
N THR B 89 -10.15 4.91 4.08
CA THR B 89 -11.29 4.14 4.56
C THR B 89 -11.12 3.92 6.06
N LEU B 90 -12.18 4.18 6.80
CA LEU B 90 -12.18 4.14 8.26
C LEU B 90 -13.09 3.01 8.68
N ASN B 91 -12.60 2.13 9.57
CA ASN B 91 -13.49 1.16 10.18
C ASN B 91 -14.40 1.87 11.19
N LYS B 92 -15.43 1.15 11.62
CA LYS B 92 -16.41 1.72 12.55
C LYS B 92 -15.74 2.31 13.79
N GLN B 93 -14.70 1.65 14.31
CA GLN B 93 -14.00 2.16 15.49
C GLN B 93 -13.27 3.47 15.23
N GLN B 94 -12.98 3.81 13.98
CA GLN B 94 -12.21 5.02 13.70
C GLN B 94 -13.06 6.28 13.57
N ARG B 95 -14.38 6.15 13.45
CA ARG B 95 -15.25 7.30 13.68
C ARG B 95 -14.90 7.96 15.01
N ARG B 96 -14.65 7.14 16.03
CA ARG B 96 -14.35 7.66 17.34
C ARG B 96 -12.96 8.30 17.37
N SER B 97 -11.93 7.55 16.97
CA SER B 97 -10.58 8.00 17.27
C SER B 97 -9.94 8.84 16.16
N ASP B 98 -10.39 8.72 14.91
CA ASP B 98 -9.59 9.29 13.82
C ASP B 98 -10.39 10.23 12.93
N LEU B 99 -11.70 10.01 12.81
CA LEU B 99 -12.47 10.69 11.77
C LEU B 99 -12.34 12.21 11.88
N ASP B 100 -12.62 12.77 13.06
CA ASP B 100 -12.64 14.22 13.17
C ASP B 100 -11.24 14.79 13.04
N ARG B 101 -10.24 14.17 13.68
CA ARG B 101 -8.88 14.66 13.52
C ARG B 101 -8.37 14.47 12.09
N PHE B 102 -8.77 13.39 11.41
CA PHE B 102 -8.37 13.23 10.01
C PHE B 102 -9.06 14.26 9.11
N TRP B 103 -10.33 14.55 9.37
CA TRP B 103 -11.04 15.54 8.54
C TRP B 103 -10.48 16.94 8.72
N LEU B 104 -10.22 17.35 9.97
CA LEU B 104 -9.62 18.65 10.19
C LEU B 104 -8.26 18.76 9.50
N GLU B 105 -7.43 17.72 9.60
CA GLU B 105 -6.15 17.74 8.89
C GLU B 105 -6.36 17.85 7.37
N THR B 106 -7.37 17.16 6.84
CA THR B 106 -7.66 17.25 5.41
C THR B 106 -8.05 18.66 5.02
N LEU B 107 -8.90 19.31 5.83
CA LEU B 107 -9.27 20.69 5.56
C LEU B 107 -8.05 21.60 5.55
N LEU B 108 -7.09 21.35 6.46
CA LEU B 108 -5.89 22.19 6.54
C LEU B 108 -4.97 21.97 5.36
N CYS B 109 -4.81 20.73 4.90
CA CYS B 109 -3.99 20.48 3.72
C CYS B 109 -4.56 21.20 2.49
N LEU B 110 -5.85 21.45 2.48
CA LEU B 110 -6.49 22.15 1.36
C LEU B 110 -6.30 23.66 1.49
N ILE B 111 -6.81 24.25 2.58
CA ILE B 111 -6.75 25.70 2.70
C ILE B 111 -5.32 26.18 2.84
N GLY B 112 -4.47 25.34 3.42
CA GLY B 112 -3.06 25.63 3.52
C GLY B 112 -2.23 25.29 2.30
N GLU B 113 -2.83 24.78 1.21
CA GLU B 113 -2.08 24.49 -0.02
C GLU B 113 -0.85 23.63 0.27
N SER B 114 -1.07 22.48 0.90
CA SER B 114 0.06 21.80 1.52
C SER B 114 0.84 20.93 0.56
N PHE B 115 0.41 20.78 -0.68
CA PHE B 115 1.18 19.95 -1.61
C PHE B 115 1.98 20.78 -2.62
N ASP B 116 2.50 21.92 -2.19
CA ASP B 116 3.47 22.71 -2.97
C ASP B 116 2.81 23.10 -4.30
N ASP B 117 3.52 22.95 -5.43
CA ASP B 117 2.98 23.35 -6.72
C ASP B 117 1.82 22.48 -7.16
N TYR B 118 1.72 21.27 -6.63
CA TYR B 118 0.64 20.37 -7.00
C TYR B 118 -0.65 20.65 -6.25
N SER B 119 -0.68 21.63 -5.36
CA SER B 119 -1.95 22.01 -4.75
C SER B 119 -2.92 22.60 -5.76
N ASP B 120 -2.41 23.07 -6.91
CA ASP B 120 -3.29 23.49 -8.00
C ASP B 120 -4.13 22.34 -8.52
N ASP B 121 -3.61 21.11 -8.47
CA ASP B 121 -4.37 19.95 -8.92
C ASP B 121 -5.50 19.56 -7.96
N VAL B 122 -5.46 19.96 -6.68
CA VAL B 122 -6.53 19.58 -5.74
C VAL B 122 -7.82 20.29 -6.09
N CYS B 123 -8.93 19.55 -6.15
CA CYS B 123 -10.24 20.15 -6.33
C CYS B 123 -10.99 20.37 -5.03
N GLY B 124 -10.91 19.41 -4.11
CA GLY B 124 -11.53 19.54 -2.82
C GLY B 124 -11.40 18.22 -2.08
N ALA B 125 -12.19 18.09 -1.02
CA ALA B 125 -12.18 16.90 -0.18
C ALA B 125 -13.59 16.62 0.30
N VAL B 126 -13.84 15.35 0.62
CA VAL B 126 -15.18 14.87 0.98
C VAL B 126 -15.02 13.90 2.15
N VAL B 127 -15.86 14.06 3.17
CA VAL B 127 -16.01 13.02 4.20
C VAL B 127 -17.42 12.46 4.09
N ASN B 128 -17.51 11.13 4.02
CA ASN B 128 -18.79 10.44 4.10
C ASN B 128 -18.93 9.78 5.46
N VAL B 129 -19.98 10.14 6.18
CA VAL B 129 -20.35 9.43 7.39
C VAL B 129 -21.33 8.34 6.94
N ARG B 130 -20.99 7.09 7.24
CA ARG B 130 -21.78 5.95 6.81
C ARG B 130 -21.75 4.89 7.91
N ALA B 131 -22.83 4.11 8.00
CA ALA B 131 -22.88 3.03 8.98
C ALA B 131 -21.83 1.95 8.69
N LYS B 132 -21.57 1.69 7.41
CA LYS B 132 -20.63 0.64 7.04
C LYS B 132 -19.19 1.01 7.34
N GLY B 133 -18.89 2.29 7.46
CA GLY B 133 -17.52 2.72 7.57
C GLY B 133 -17.36 4.08 6.92
N ASP B 134 -16.73 5.01 7.63
CA ASP B 134 -16.61 6.36 7.08
C ASP B 134 -15.50 6.40 6.04
N LYS B 135 -15.55 7.42 5.18
CA LYS B 135 -14.49 7.62 4.20
C LYS B 135 -14.15 9.10 4.14
N ILE B 136 -12.87 9.38 3.95
CA ILE B 136 -12.36 10.72 3.64
C ILE B 136 -11.55 10.64 2.36
N ALA B 137 -11.68 11.64 1.49
CA ALA B 137 -11.02 11.59 0.19
C ALA B 137 -10.64 13.00 -0.24
N ILE B 138 -9.45 13.16 -0.82
CA ILE B 138 -9.08 14.39 -1.54
C ILE B 138 -9.26 14.14 -3.02
N TRP B 139 -10.01 15.01 -3.68
CA TRP B 139 -10.27 14.91 -5.11
C TRP B 139 -9.26 15.79 -5.85
N THR B 140 -8.57 15.21 -6.83
CA THR B 140 -7.66 15.95 -7.70
C THR B 140 -8.22 15.96 -9.13
N THR B 141 -7.72 16.89 -9.95
CA THR B 141 -8.41 17.19 -11.21
C THR B 141 -8.08 16.25 -12.36
N GLU B 142 -6.91 15.61 -12.36
CA GLU B 142 -6.47 14.84 -13.54
C GLU B 142 -5.81 13.56 -13.09
N CYS B 143 -6.49 12.43 -13.31
CA CYS B 143 -5.97 11.13 -12.92
C CYS B 143 -4.69 10.79 -13.67
N GLU B 144 -4.56 11.24 -14.92
CA GLU B 144 -3.38 10.94 -15.73
C GLU B 144 -2.14 11.65 -15.24
N ASN B 145 -2.28 12.69 -14.42
CA ASN B 145 -1.13 13.46 -13.96
C ASN B 145 -0.49 12.69 -12.81
N ARG B 146 0.33 11.70 -13.18
CA ARG B 146 0.91 10.80 -12.20
C ARG B 146 1.82 11.51 -11.23
N ASP B 147 2.54 12.54 -11.68
CA ASP B 147 3.41 13.29 -10.78
C ASP B 147 2.59 14.02 -9.70
N ALA B 148 1.57 14.77 -10.11
CA ALA B 148 0.76 15.50 -9.15
C ALA B 148 0.06 14.55 -8.19
N VAL B 149 -0.54 13.49 -8.73
CA VAL B 149 -1.32 12.56 -7.92
C VAL B 149 -0.41 11.82 -6.94
N THR B 150 0.77 11.40 -7.39
CA THR B 150 1.68 10.69 -6.51
C THR B 150 2.15 11.56 -5.35
N HIS B 151 2.56 12.80 -5.65
CA HIS B 151 3.07 13.68 -4.61
C HIS B 151 1.98 14.08 -3.63
N ILE B 152 0.77 14.28 -4.12
CA ILE B 152 -0.33 14.59 -3.23
C ILE B 152 -0.57 13.44 -2.26
N GLY B 153 -0.56 12.20 -2.76
CA GLY B 153 -0.82 11.06 -1.88
C GLY B 153 0.29 10.85 -0.86
N ARG B 154 1.55 10.95 -1.29
CA ARG B 154 2.68 10.82 -0.38
C ARG B 154 2.57 11.80 0.79
N VAL B 155 2.31 13.07 0.46
CA VAL B 155 2.26 14.14 1.46
C VAL B 155 1.05 13.95 2.36
N TYR B 156 -0.13 13.75 1.76
CA TYR B 156 -1.36 13.56 2.52
C TYR B 156 -1.19 12.43 3.54
N LYS B 157 -0.66 11.31 3.09
CA LYS B 157 -0.46 10.16 3.96
C LYS B 157 0.44 10.50 5.15
N GLU B 158 1.53 11.24 4.92
CA GLU B 158 2.40 11.63 6.03
C GLU B 158 1.71 12.62 6.98
N ARG B 159 0.98 13.59 6.43
CA ARG B 159 0.28 14.57 7.27
C ARG B 159 -0.77 13.92 8.16
N LEU B 160 -1.43 12.88 7.66
CA LEU B 160 -2.39 12.19 8.52
C LEU B 160 -1.71 11.37 9.60
N GLY B 161 -0.40 11.17 9.51
CA GLY B 161 0.27 10.30 10.46
C GLY B 161 0.05 8.82 10.18
N LEU B 162 -0.41 8.47 8.98
CA LEU B 162 -0.64 7.06 8.69
C LEU B 162 0.71 6.33 8.66
N PRO B 163 0.75 5.08 9.10
CA PRO B 163 2.02 4.38 9.21
C PRO B 163 2.43 3.78 7.87
N PRO B 164 3.74 3.58 7.66
CA PRO B 164 4.19 2.99 6.40
C PRO B 164 3.74 1.54 6.21
N LYS B 165 3.14 0.92 7.21
CA LYS B 165 2.71 -0.46 7.06
C LYS B 165 1.38 -0.58 6.33
N ILE B 166 0.69 0.53 6.09
CA ILE B 166 -0.56 0.52 5.33
C ILE B 166 -0.37 1.38 4.09
N VAL B 167 -1.20 1.10 3.10
CA VAL B 167 -1.24 1.90 1.88
C VAL B 167 -2.62 2.53 1.78
N ILE B 168 -2.66 3.68 1.12
CA ILE B 168 -3.91 4.25 0.62
C ILE B 168 -3.88 4.14 -0.90
N GLY B 169 -5.05 4.27 -1.51
CA GLY B 169 -5.19 4.09 -2.93
C GLY B 169 -5.82 5.29 -3.59
N TYR B 170 -5.51 5.48 -4.87
CA TYR B 170 -6.09 6.54 -5.68
C TYR B 170 -6.98 5.91 -6.75
N GLN B 171 -8.22 6.38 -6.83
CA GLN B 171 -9.17 5.85 -7.81
C GLN B 171 -9.72 7.00 -8.65
N SER B 172 -9.70 6.83 -9.97
CA SER B 172 -10.24 7.85 -10.85
C SER B 172 -11.76 7.87 -10.78
N HIS B 173 -12.34 9.05 -11.05
CA HIS B 173 -13.78 9.20 -10.91
C HIS B 173 -14.52 8.40 -11.98
N ALA B 174 -13.98 8.33 -13.21
CA ALA B 174 -14.65 7.59 -14.27
C ALA B 174 -14.86 6.13 -13.86
N ASP B 175 -13.88 5.53 -13.21
CA ASP B 175 -14.04 4.16 -12.72
C ASP B 175 -15.20 4.08 -11.74
N THR B 176 -15.19 4.92 -10.71
CA THR B 176 -16.32 5.01 -9.78
C THR B 176 -17.45 5.85 -10.38
N LYS B 185 -10.81 -0.47 -8.42
CA LYS B 185 -9.38 -0.67 -8.61
C LYS B 185 -8.59 0.63 -8.38
N ASN B 186 -7.43 0.53 -7.76
CA ASN B 186 -6.57 1.71 -7.57
C ASN B 186 -5.75 1.96 -8.82
N ARG B 187 -5.63 3.23 -9.20
CA ARG B 187 -4.67 3.62 -10.22
C ARG B 187 -3.30 3.90 -9.61
N PHE B 188 -3.27 4.31 -8.33
CA PHE B 188 -2.04 4.59 -7.61
C PHE B 188 -2.20 4.13 -6.16
N VAL B 189 -1.08 3.78 -5.53
CA VAL B 189 -1.03 3.50 -4.10
C VAL B 189 0.25 4.09 -3.54
N VAL B 190 0.18 4.58 -2.31
CA VAL B 190 1.36 5.05 -1.57
C VAL B 190 1.27 4.59 -0.13
N GLU C 5 -31.14 22.58 9.52
CA GLU C 5 -29.89 22.79 10.23
C GLU C 5 -29.50 21.54 11.02
N HIS C 6 -29.13 20.49 10.30
CA HIS C 6 -28.57 19.28 10.89
C HIS C 6 -27.05 19.26 10.86
N TYR C 7 -26.43 20.38 10.52
CA TYR C 7 -24.98 20.51 10.52
C TYR C 7 -24.51 21.64 11.41
N ILE C 8 -25.43 22.36 12.05
CA ILE C 8 -25.13 23.49 12.90
C ILE C 8 -25.29 23.06 14.35
N LYS C 9 -24.29 23.34 15.17
CA LYS C 9 -24.41 23.10 16.61
C LYS C 9 -25.43 24.07 17.21
N HIS C 10 -26.06 23.67 18.31
CA HIS C 10 -27.03 24.56 18.94
C HIS C 10 -26.31 25.56 19.85
N PRO C 11 -26.34 26.86 19.54
CA PRO C 11 -25.65 27.85 20.38
C PRO C 11 -26.32 28.02 21.72
N LEU C 12 -25.50 28.13 22.76
CA LEU C 12 -25.97 28.57 24.06
C LEU C 12 -26.05 30.09 24.10
N GLN C 13 -26.94 30.60 24.93
CA GLN C 13 -27.03 32.05 25.04
C GLN C 13 -25.86 32.67 25.78
N ASN C 14 -25.04 31.88 26.45
CA ASN C 14 -23.81 32.38 27.06
C ASN C 14 -22.66 31.44 26.73
N ARG C 15 -21.47 32.03 26.61
CA ARG C 15 -20.25 31.25 26.57
C ARG C 15 -19.80 30.95 28.01
N TRP C 16 -19.59 29.67 28.32
CA TRP C 16 -19.24 29.29 29.69
C TRP C 16 -17.81 28.77 29.78
N ALA C 17 -17.23 28.90 30.96
CA ALA C 17 -15.89 28.40 31.24
C ALA C 17 -15.97 27.42 32.40
N LEU C 18 -15.41 26.23 32.22
CA LEU C 18 -15.31 25.24 33.28
C LEU C 18 -13.96 25.39 33.94
N TRP C 19 -13.95 25.42 35.27
CA TRP C 19 -12.73 25.58 36.05
C TRP C 19 -12.53 24.36 36.92
N PHE C 20 -11.27 24.06 37.22
CA PHE C 20 -10.91 23.03 38.19
C PHE C 20 -9.92 23.63 39.19
N PHE C 21 -9.94 23.07 40.39
CA PHE C 21 -9.11 23.56 41.49
C PHE C 21 -8.56 22.34 42.22
N LYS C 22 -7.23 22.22 42.24
CA LYS C 22 -6.56 21.15 42.97
C LYS C 22 -6.05 21.74 44.28
N ASN C 23 -6.67 21.32 45.39
CA ASN C 23 -6.30 21.82 46.70
C ASN C 23 -4.91 21.34 47.11
N ASP C 24 -3.89 21.69 46.32
CA ASP C 24 -2.52 21.37 46.69
C ASP C 24 -2.05 22.33 47.77
N LYS C 25 -0.83 22.10 48.26
CA LYS C 25 -0.26 22.90 49.34
C LYS C 25 0.99 23.67 48.95
N SER C 26 1.78 23.16 48.00
CA SER C 26 3.00 23.85 47.59
C SER C 26 2.72 25.21 46.94
N LYS C 27 1.49 25.46 46.50
CA LYS C 27 1.12 26.74 45.91
C LYS C 27 -0.29 27.15 46.34
N LEU C 33 -5.95 26.27 40.91
CA LEU C 33 -7.03 26.67 40.01
C LEU C 33 -6.53 26.84 38.58
N ARG C 34 -7.17 26.13 37.65
CA ARG C 34 -6.78 26.15 36.25
C ARG C 34 -8.03 26.12 35.38
N LEU C 35 -7.96 26.82 34.25
CA LEU C 35 -9.04 26.81 33.27
C LEU C 35 -8.97 25.52 32.45
N ILE C 36 -10.09 24.80 32.36
CA ILE C 36 -10.11 23.52 31.66
C ILE C 36 -10.46 23.70 30.19
N SER C 37 -11.49 24.49 29.90
CA SER C 37 -11.90 24.81 28.54
C SER C 37 -13.15 25.67 28.63
N LYS C 38 -13.52 26.25 27.49
CA LYS C 38 -14.73 27.02 27.34
C LYS C 38 -15.59 26.39 26.24
N PHE C 39 -16.88 26.72 26.27
CA PHE C 39 -17.82 26.18 25.29
C PHE C 39 -18.99 27.13 25.16
N ASP C 40 -19.66 27.07 24.00
CA ASP C 40 -20.85 27.89 23.85
C ASP C 40 -21.90 27.23 22.97
N THR C 41 -21.85 25.91 22.81
CA THR C 41 -22.87 25.15 22.13
C THR C 41 -23.29 24.00 23.05
N VAL C 42 -24.46 23.43 22.77
CA VAL C 42 -24.90 22.24 23.49
C VAL C 42 -23.95 21.08 23.22
N GLU C 43 -23.57 20.89 21.95
CA GLU C 43 -22.75 19.76 21.57
C GLU C 43 -21.39 19.80 22.28
N ASP C 44 -20.76 20.99 22.32
CA ASP C 44 -19.46 21.08 22.98
C ASP C 44 -19.59 20.95 24.49
N PHE C 45 -20.72 21.34 25.08
CA PHE C 45 -20.89 21.10 26.50
C PHE C 45 -20.83 19.60 26.80
N TRP C 46 -21.57 18.80 26.02
CA TRP C 46 -21.62 17.36 26.31
C TRP C 46 -20.28 16.70 26.02
N ALA C 47 -19.58 17.14 24.99
CA ALA C 47 -18.25 16.60 24.72
C ALA C 47 -17.31 16.86 25.90
N LEU C 48 -17.40 18.05 26.50
CA LEU C 48 -16.57 18.33 27.67
C LEU C 48 -17.03 17.53 28.88
N TYR C 49 -18.36 17.48 29.10
CA TYR C 49 -18.89 16.73 30.23
C TYR C 49 -18.54 15.25 30.15
N ASN C 50 -18.68 14.64 28.97
CA ASN C 50 -18.41 13.21 28.85
C ASN C 50 -16.93 12.88 28.95
N HIS C 51 -16.07 13.89 28.88
CA HIS C 51 -14.63 13.76 28.90
C HIS C 51 -14.04 13.77 30.30
N ILE C 52 -14.73 14.38 31.26
CA ILE C 52 -14.16 14.69 32.56
C ILE C 52 -14.78 13.81 33.65
N GLN C 53 -14.09 13.76 34.79
CA GLN C 53 -14.53 12.98 35.93
C GLN C 53 -15.88 13.44 36.44
N LEU C 54 -16.74 12.47 36.76
CA LEU C 54 -17.85 12.69 37.67
C LEU C 54 -17.34 13.34 38.95
N SER C 55 -18.18 14.21 39.54
CA SER C 55 -17.75 14.91 40.75
C SER C 55 -17.47 13.94 41.88
N SER C 56 -18.17 12.80 41.91
CA SER C 56 -17.94 11.79 42.93
C SER C 56 -16.50 11.27 42.90
N ASN C 57 -15.92 11.16 41.70
CA ASN C 57 -14.63 10.51 41.55
C ASN C 57 -13.44 11.43 41.79
N LEU C 58 -13.67 12.72 42.04
CA LEU C 58 -12.56 13.62 42.32
C LEU C 58 -11.98 13.37 43.70
N MET C 59 -10.69 13.62 43.83
CA MET C 59 -10.04 13.54 45.14
C MET C 59 -10.62 14.62 46.03
N PRO C 60 -10.96 14.32 47.29
CA PRO C 60 -11.48 15.35 48.20
C PRO C 60 -10.62 16.62 48.20
N GLY C 61 -11.28 17.77 48.30
CA GLY C 61 -10.62 19.05 48.22
C GLY C 61 -10.71 19.72 46.86
N CYS C 62 -11.10 18.99 45.82
CA CYS C 62 -11.18 19.53 44.48
C CYS C 62 -12.51 20.24 44.25
N ASP C 63 -12.53 21.08 43.21
CA ASP C 63 -13.71 21.81 42.82
C ASP C 63 -13.84 21.87 41.31
N TYR C 64 -15.08 21.81 40.82
CA TYR C 64 -15.43 22.29 39.49
C TYR C 64 -16.22 23.59 39.65
N SER C 65 -15.90 24.56 38.80
CA SER C 65 -16.71 25.77 38.71
C SER C 65 -17.05 26.00 37.25
N LEU C 66 -18.32 26.33 37.00
CA LEU C 66 -18.75 26.76 35.67
C LEU C 66 -19.27 28.18 35.79
N PHE C 67 -18.58 29.14 35.16
CA PHE C 67 -19.01 30.53 35.16
C PHE C 67 -19.06 31.06 33.73
N LYS C 68 -19.92 32.06 33.52
CA LYS C 68 -19.98 32.73 32.23
C LYS C 68 -18.62 33.31 31.87
N ASP C 69 -18.30 33.26 30.58
CA ASP C 69 -17.02 33.74 30.08
C ASP C 69 -16.71 35.12 30.62
N GLY C 70 -15.59 35.23 31.30
CA GLY C 70 -15.20 36.49 31.93
C GLY C 70 -15.23 36.42 33.45
N ILE C 71 -16.29 35.85 34.01
CA ILE C 71 -16.50 35.87 35.45
C ILE C 71 -15.55 34.87 36.10
N GLU C 72 -14.56 35.37 36.83
CA GLU C 72 -13.70 34.50 37.60
C GLU C 72 -14.47 33.96 38.80
N PRO C 73 -14.28 32.68 39.15
CA PRO C 73 -15.04 32.10 40.26
C PRO C 73 -14.51 32.46 41.65
N MET C 74 -13.64 33.46 41.77
CA MET C 74 -13.23 33.96 43.08
C MET C 74 -14.25 34.98 43.59
N TRP C 75 -14.44 34.99 44.91
CA TRP C 75 -15.45 35.84 45.53
C TRP C 75 -15.22 37.32 45.28
N GLU C 76 -14.03 37.71 44.82
CA GLU C 76 -13.71 39.12 44.65
C GLU C 76 -14.55 39.75 43.55
N ASP C 77 -14.45 39.23 42.33
CA ASP C 77 -15.05 39.88 41.16
C ASP C 77 -16.58 39.86 41.19
N GLY C 84 -24.36 36.59 46.26
CA GLY C 84 -23.73 35.72 47.24
C GLY C 84 -23.61 34.30 46.72
N ARG C 85 -24.48 33.43 47.25
CA ARG C 85 -24.61 32.07 46.74
C ARG C 85 -25.76 31.35 47.44
N TRP C 86 -26.64 30.76 46.64
CA TRP C 86 -27.58 29.77 47.15
C TRP C 86 -26.84 28.43 47.22
N LEU C 87 -26.75 27.86 48.42
CA LEU C 87 -25.79 26.80 48.70
C LEU C 87 -26.51 25.53 49.15
N ILE C 88 -26.15 24.41 48.54
CA ILE C 88 -26.68 23.10 48.91
C ILE C 88 -25.61 22.36 49.68
N THR C 89 -26.02 21.82 50.84
CA THR C 89 -25.16 21.00 51.69
C THR C 89 -25.57 19.54 51.55
N LEU C 90 -24.61 18.67 51.31
CA LEU C 90 -24.85 17.24 51.16
C LEU C 90 -24.05 16.49 52.22
N ASN C 91 -24.61 15.39 52.73
CA ASN C 91 -23.85 14.55 53.62
C ASN C 91 -23.00 13.56 52.83
N LYS C 92 -22.12 12.85 53.55
CA LYS C 92 -21.19 11.96 52.89
C LYS C 92 -21.90 10.88 52.10
N GLN C 93 -23.05 10.40 52.59
CA GLN C 93 -23.83 9.43 51.83
C GLN C 93 -24.36 10.05 50.54
N GLN C 94 -24.89 11.28 50.63
CA GLN C 94 -25.48 11.90 49.45
C GLN C 94 -24.49 12.13 48.33
N ARG C 95 -23.19 11.97 48.58
CA ARG C 95 -22.23 12.00 47.48
C ARG C 95 -22.58 10.96 46.43
N ARG C 96 -22.79 9.73 46.87
CA ARG C 96 -23.08 8.69 45.92
C ARG C 96 -24.51 8.78 45.42
N SER C 97 -25.41 9.35 46.22
CA SER C 97 -26.83 9.37 45.90
C SER C 97 -27.25 10.55 45.03
N ASP C 98 -26.82 11.76 45.35
CA ASP C 98 -27.34 12.94 44.70
C ASP C 98 -26.30 13.81 44.03
N LEU C 99 -25.03 13.71 44.41
CA LEU C 99 -24.00 14.65 43.97
C LEU C 99 -23.98 14.81 42.45
N ASP C 100 -23.75 13.70 41.72
CA ASP C 100 -23.58 13.82 40.27
C ASP C 100 -24.88 14.26 39.61
N ARG C 101 -26.02 13.76 40.08
CA ARG C 101 -27.30 14.20 39.54
C ARG C 101 -27.52 15.69 39.81
N PHE C 102 -27.19 16.15 41.03
CA PHE C 102 -27.35 17.55 41.38
C PHE C 102 -26.46 18.45 40.54
N TRP C 103 -25.21 18.01 40.31
CA TRP C 103 -24.27 18.85 39.58
C TRP C 103 -24.68 19.02 38.13
N LEU C 104 -25.10 17.94 37.47
CA LEU C 104 -25.47 18.03 36.07
C LEU C 104 -26.69 18.91 35.84
N GLU C 105 -27.72 18.75 36.68
CA GLU C 105 -28.89 19.60 36.55
C GLU C 105 -28.54 21.05 36.81
N THR C 106 -27.70 21.31 37.80
CA THR C 106 -27.15 22.64 38.01
C THR C 106 -26.53 23.18 36.73
N LEU C 107 -25.68 22.36 36.09
CA LEU C 107 -25.07 22.78 34.83
C LEU C 107 -26.12 23.04 33.76
N LEU C 108 -27.20 22.25 33.74
CA LEU C 108 -28.23 22.41 32.73
C LEU C 108 -29.13 23.61 33.01
N CYS C 109 -29.45 23.87 34.28
CA CYS C 109 -30.14 25.11 34.62
C CYS C 109 -29.34 26.32 34.13
N LEU C 110 -28.03 26.30 34.34
CA LEU C 110 -27.19 27.41 33.94
C LEU C 110 -27.22 27.56 32.42
N ILE C 111 -26.68 26.58 31.68
CA ILE C 111 -26.50 26.80 30.26
C ILE C 111 -27.81 26.88 29.50
N GLY C 112 -28.89 26.35 30.07
CA GLY C 112 -30.19 26.52 29.46
C GLY C 112 -30.93 27.79 29.85
N GLU C 113 -30.31 28.64 30.68
CA GLU C 113 -30.93 29.86 31.20
C GLU C 113 -32.35 29.57 31.70
N SER C 114 -32.44 28.66 32.67
CA SER C 114 -33.71 28.10 33.11
C SER C 114 -34.45 28.97 34.11
N PHE C 115 -33.87 30.10 34.53
CA PHE C 115 -34.50 30.98 35.52
C PHE C 115 -35.21 32.16 34.87
N ASP C 116 -35.60 32.05 33.60
CA ASP C 116 -36.45 33.04 32.92
C ASP C 116 -35.73 34.39 32.91
N ASP C 117 -36.32 35.45 33.46
CA ASP C 117 -35.75 36.79 33.30
C ASP C 117 -34.48 36.95 34.12
N TYR C 118 -34.51 36.54 35.39
CA TYR C 118 -33.39 36.71 36.30
C TYR C 118 -32.20 35.80 35.99
N SER C 119 -32.11 35.24 34.79
CA SER C 119 -30.92 34.49 34.41
C SER C 119 -29.70 35.41 34.31
N ASP C 120 -29.91 36.68 34.02
CA ASP C 120 -28.80 37.61 33.88
C ASP C 120 -28.01 37.73 35.18
N ASP C 121 -28.68 37.53 36.32
CA ASP C 121 -28.00 37.60 37.61
C ASP C 121 -27.20 36.35 37.93
N VAL C 122 -27.45 35.24 37.23
CA VAL C 122 -26.65 34.04 37.42
C VAL C 122 -25.23 34.31 36.97
N CYS C 123 -24.27 34.13 37.87
CA CYS C 123 -22.86 34.24 37.53
C CYS C 123 -22.22 32.90 37.25
N GLY C 124 -22.54 31.88 38.05
CA GLY C 124 -21.97 30.58 37.83
C GLY C 124 -22.41 29.61 38.89
N ALA C 125 -21.73 28.47 38.94
CA ALA C 125 -22.00 27.45 39.95
C ALA C 125 -20.69 26.79 40.35
N VAL C 126 -20.68 26.22 41.55
CA VAL C 126 -19.49 25.64 42.15
C VAL C 126 -19.87 24.33 42.84
N VAL C 127 -18.99 23.35 42.73
CA VAL C 127 -19.14 22.05 43.40
C VAL C 127 -17.86 21.79 44.19
N ASN C 128 -17.97 21.67 45.51
CA ASN C 128 -16.82 21.37 46.36
C ASN C 128 -16.87 19.90 46.78
N VAL C 129 -15.87 19.14 46.39
CA VAL C 129 -15.69 17.76 46.86
C VAL C 129 -14.88 17.82 48.15
N ARG C 130 -15.46 17.35 49.25
CA ARG C 130 -14.82 17.52 50.55
C ARG C 130 -15.26 16.42 51.51
N ALA C 131 -14.29 15.88 52.25
CA ALA C 131 -14.58 14.82 53.20
C ALA C 131 -15.63 15.24 54.22
N LYS C 132 -15.58 16.50 54.64
CA LYS C 132 -16.59 17.01 55.57
C LYS C 132 -17.98 16.90 54.97
N GLY C 133 -18.09 16.96 53.65
CA GLY C 133 -19.36 16.91 52.97
C GLY C 133 -19.24 17.78 51.74
N ASP C 134 -19.99 17.40 50.70
CA ASP C 134 -19.92 18.07 49.41
C ASP C 134 -20.84 19.27 49.39
N LYS C 135 -20.50 20.26 48.56
CA LYS C 135 -21.26 21.50 48.44
C LYS C 135 -21.54 21.75 46.97
N ILE C 136 -22.75 22.22 46.69
CA ILE C 136 -23.12 22.72 45.37
C ILE C 136 -23.78 24.08 45.55
N ALA C 137 -23.35 25.07 44.78
CA ALA C 137 -23.86 26.42 44.95
C ALA C 137 -23.87 27.12 43.61
N ILE C 138 -24.96 27.84 43.32
CA ILE C 138 -25.05 28.72 42.18
C ILE C 138 -24.88 30.14 42.66
N TRP C 139 -23.94 30.87 42.06
CA TRP C 139 -23.62 32.22 42.51
C TRP C 139 -24.43 33.23 41.69
N THR C 140 -25.00 34.21 42.37
CA THR C 140 -25.69 35.29 41.66
C THR C 140 -25.15 36.66 42.07
N ARG C 146 -32.65 40.63 45.18
CA ARG C 146 -33.55 40.15 46.22
C ARG C 146 -34.75 39.43 45.61
N ASP C 147 -35.44 40.12 44.69
CA ASP C 147 -36.52 39.47 43.96
C ASP C 147 -35.94 38.43 42.99
N ALA C 148 -34.92 38.82 42.23
CA ALA C 148 -34.25 37.88 41.35
C ALA C 148 -33.66 36.71 42.14
N VAL C 149 -33.05 37.00 43.28
CA VAL C 149 -32.50 35.93 44.12
C VAL C 149 -33.60 34.97 44.53
N THR C 150 -34.76 35.50 44.92
CA THR C 150 -35.88 34.66 45.33
C THR C 150 -36.34 33.76 44.20
N HIS C 151 -36.52 34.33 43.00
CA HIS C 151 -36.99 33.54 41.87
C HIS C 151 -36.00 32.44 41.51
N ILE C 152 -34.70 32.76 41.55
CA ILE C 152 -33.68 31.75 41.24
C ILE C 152 -33.76 30.59 42.21
N GLY C 153 -34.07 30.87 43.48
CA GLY C 153 -34.12 29.80 44.47
C GLY C 153 -35.31 28.88 44.30
N ARG C 154 -36.48 29.45 43.96
CA ARG C 154 -37.67 28.61 43.79
C ARG C 154 -37.54 27.70 42.58
N VAL C 155 -36.89 28.17 41.52
CA VAL C 155 -36.70 27.34 40.34
C VAL C 155 -35.64 26.28 40.60
N TYR C 156 -34.55 26.67 41.25
CA TYR C 156 -33.45 25.73 41.49
C TYR C 156 -33.88 24.60 42.41
N LYS C 157 -34.62 24.92 43.46
CA LYS C 157 -35.20 23.88 44.30
C LYS C 157 -36.18 23.01 43.49
N GLU C 158 -36.92 23.63 42.58
CA GLU C 158 -37.87 22.89 41.76
C GLU C 158 -37.15 21.95 40.81
N ARG C 159 -36.19 22.46 40.04
CA ARG C 159 -35.51 21.65 39.05
C ARG C 159 -34.83 20.43 39.66
N LEU C 160 -34.33 20.55 40.89
CA LEU C 160 -33.81 19.40 41.61
C LEU C 160 -34.89 18.58 42.28
N GLY C 161 -36.15 19.03 42.25
CA GLY C 161 -37.23 18.31 42.89
C GLY C 161 -37.10 18.19 44.40
N GLU D 5 24.90 -31.57 -8.81
CA GLU D 5 24.26 -32.39 -9.84
C GLU D 5 22.80 -32.02 -10.04
N HIS D 6 22.29 -31.12 -9.20
CA HIS D 6 20.88 -30.76 -9.20
C HIS D 6 20.59 -29.37 -9.78
N TYR D 7 21.51 -28.42 -9.65
CA TYR D 7 21.27 -27.08 -10.18
C TYR D 7 21.88 -26.86 -11.56
N ILE D 8 22.66 -27.80 -12.08
CA ILE D 8 23.30 -27.68 -13.38
C ILE D 8 22.45 -28.37 -14.43
N LYS D 9 22.16 -27.67 -15.52
CA LYS D 9 21.55 -28.33 -16.66
C LYS D 9 22.46 -29.43 -17.18
N HIS D 10 21.87 -30.44 -17.81
CA HIS D 10 22.64 -31.56 -18.31
CA HIS D 10 22.63 -31.57 -18.32
C HIS D 10 23.13 -31.25 -19.72
N PRO D 11 24.43 -31.09 -19.93
CA PRO D 11 24.91 -30.62 -21.24
C PRO D 11 24.93 -31.73 -22.29
N LEU D 12 24.52 -31.35 -23.50
CA LEU D 12 24.67 -32.21 -24.67
C LEU D 12 26.12 -32.19 -25.16
N GLN D 13 26.46 -33.22 -25.95
CA GLN D 13 27.77 -33.24 -26.58
C GLN D 13 27.93 -32.13 -27.61
N ASN D 14 26.84 -31.72 -28.25
CA ASN D 14 26.90 -30.70 -29.31
C ASN D 14 25.82 -29.65 -29.13
N ARG D 15 26.07 -28.47 -29.70
CA ARG D 15 25.06 -27.44 -29.82
C ARG D 15 24.23 -27.69 -31.08
N TRP D 16 22.90 -27.60 -30.95
CA TRP D 16 21.98 -27.91 -32.03
C TRP D 16 21.13 -26.69 -32.35
N ALA D 17 20.82 -26.52 -33.64
CA ALA D 17 19.96 -25.44 -34.09
C ALA D 17 18.70 -26.05 -34.69
N LEU D 18 17.54 -25.54 -34.28
CA LEU D 18 16.27 -25.95 -34.86
C LEU D 18 15.87 -24.95 -35.94
N TRP D 19 15.44 -25.47 -37.07
CA TRP D 19 15.03 -24.64 -38.20
C TRP D 19 13.64 -25.04 -38.64
N PHE D 20 12.99 -24.13 -39.35
CA PHE D 20 11.66 -24.36 -39.87
C PHE D 20 11.55 -23.68 -41.23
N PHE D 21 10.79 -24.29 -42.13
CA PHE D 21 10.63 -23.76 -43.49
C PHE D 21 9.17 -23.63 -43.88
N GLN D 30 15.96 -20.90 -50.12
CA GLN D 30 16.77 -20.64 -48.94
C GLN D 30 16.37 -19.32 -48.28
N ALA D 31 15.32 -18.70 -48.78
CA ALA D 31 14.81 -17.45 -48.25
C ALA D 31 13.62 -17.63 -47.31
N ASN D 32 13.07 -18.84 -47.20
CA ASN D 32 11.96 -19.12 -46.31
C ASN D 32 12.36 -19.95 -45.11
N LEU D 33 13.64 -20.31 -44.99
CA LEU D 33 14.12 -20.98 -43.80
C LEU D 33 14.26 -19.99 -42.66
N ARG D 34 14.19 -20.51 -41.44
CA ARG D 34 14.28 -19.68 -40.24
C ARG D 34 14.94 -20.48 -39.14
N LEU D 35 16.03 -19.95 -38.58
CA LEU D 35 16.56 -20.50 -37.34
C LEU D 35 15.64 -20.09 -36.20
N ILE D 36 15.04 -21.08 -35.54
CA ILE D 36 14.07 -20.79 -34.49
C ILE D 36 14.76 -20.65 -33.13
N SER D 37 15.77 -21.47 -32.85
CA SER D 37 16.44 -21.45 -31.56
C SER D 37 17.62 -22.42 -31.61
N LYS D 38 18.57 -22.20 -30.71
CA LYS D 38 19.65 -23.13 -30.45
C LYS D 38 19.60 -23.57 -29.00
N PHE D 39 20.22 -24.71 -28.72
CA PHE D 39 20.21 -25.28 -27.39
C PHE D 39 21.37 -26.24 -27.29
N ASP D 40 21.87 -26.44 -26.07
CA ASP D 40 22.95 -27.40 -25.88
C ASP D 40 22.86 -28.13 -24.56
N THR D 41 21.68 -28.20 -23.95
CA THR D 41 21.44 -28.98 -22.75
C THR D 41 20.16 -29.77 -22.94
N VAL D 42 19.99 -30.81 -22.11
CA VAL D 42 18.75 -31.60 -22.16
C VAL D 42 17.55 -30.74 -21.81
N GLU D 43 17.64 -30.01 -20.68
CA GLU D 43 16.53 -29.16 -20.25
C GLU D 43 16.13 -28.18 -21.35
N ASP D 44 17.10 -27.60 -22.06
CA ASP D 44 16.75 -26.62 -23.09
C ASP D 44 16.10 -27.29 -24.28
N PHE D 45 16.56 -28.48 -24.66
CA PHE D 45 15.87 -29.20 -25.73
C PHE D 45 14.39 -29.34 -25.39
N TRP D 46 14.09 -29.83 -24.20
CA TRP D 46 12.71 -30.15 -23.85
C TRP D 46 11.85 -28.89 -23.78
N ALA D 47 12.41 -27.80 -23.26
CA ALA D 47 11.68 -26.53 -23.22
C ALA D 47 11.31 -26.08 -24.62
N LEU D 48 12.21 -26.28 -25.58
CA LEU D 48 11.90 -25.92 -26.96
C LEU D 48 10.89 -26.90 -27.56
N TYR D 49 11.14 -28.21 -27.41
CA TYR D 49 10.22 -29.20 -27.96
C TYR D 49 8.82 -29.00 -27.43
N ASN D 50 8.67 -28.77 -26.12
CA ASN D 50 7.35 -28.61 -25.51
C ASN D 50 6.65 -27.33 -25.92
N HIS D 51 7.35 -26.42 -26.58
CA HIS D 51 6.85 -25.09 -26.93
C HIS D 51 6.28 -25.04 -28.33
N ILE D 52 6.74 -25.91 -29.23
CA ILE D 52 6.47 -25.79 -30.65
C ILE D 52 5.45 -26.84 -31.09
N GLN D 53 4.84 -26.59 -32.25
CA GLN D 53 3.88 -27.51 -32.83
C GLN D 53 4.52 -28.88 -33.04
N LEU D 54 3.78 -29.92 -32.72
CA LEU D 54 4.09 -31.25 -33.22
C LEU D 54 4.09 -31.24 -34.74
N SER D 55 4.92 -32.10 -35.33
CA SER D 55 5.08 -32.09 -36.77
C SER D 55 3.78 -32.44 -37.48
N SER D 56 2.94 -33.26 -36.85
CA SER D 56 1.68 -33.65 -37.47
C SER D 56 0.63 -32.55 -37.46
N ASN D 57 0.89 -31.42 -36.78
CA ASN D 57 -0.06 -30.32 -36.74
CA ASN D 57 -0.03 -30.30 -36.71
C ASN D 57 0.38 -29.15 -37.62
N LEU D 58 1.35 -29.38 -38.51
CA LEU D 58 1.87 -28.34 -39.41
C LEU D 58 1.18 -28.42 -40.76
N MET D 59 0.99 -27.25 -41.38
CA MET D 59 0.55 -27.24 -42.77
C MET D 59 1.61 -27.88 -43.66
N PRO D 60 1.21 -28.67 -44.66
CA PRO D 60 2.21 -29.41 -45.43
C PRO D 60 3.07 -28.47 -46.27
N GLY D 61 4.28 -28.94 -46.58
CA GLY D 61 5.27 -28.07 -47.17
C GLY D 61 6.11 -27.30 -46.18
N CYS D 62 5.80 -27.41 -44.90
CA CYS D 62 6.64 -26.89 -43.84
C CYS D 62 7.64 -27.97 -43.43
N ASP D 63 8.82 -27.53 -43.01
CA ASP D 63 9.88 -28.42 -42.56
C ASP D 63 10.31 -28.03 -41.16
N TYR D 64 10.66 -29.02 -40.36
CA TYR D 64 11.51 -28.83 -39.20
C TYR D 64 12.90 -29.34 -39.56
N SER D 65 13.92 -28.57 -39.18
CA SER D 65 15.30 -29.00 -39.35
C SER D 65 16.03 -28.81 -38.03
N LEU D 66 16.74 -29.86 -37.59
CA LEU D 66 17.65 -29.76 -36.45
C LEU D 66 19.05 -30.12 -36.94
N PHE D 67 19.89 -29.10 -37.11
CA PHE D 67 21.27 -29.32 -37.54
C PHE D 67 22.23 -28.93 -36.43
N LYS D 68 23.39 -29.59 -36.39
CA LYS D 68 24.43 -29.20 -35.47
C LYS D 68 24.76 -27.73 -35.67
N ASP D 69 25.09 -27.04 -34.57
CA ASP D 69 25.53 -25.66 -34.68
C ASP D 69 26.63 -25.55 -35.72
N GLY D 70 26.39 -24.76 -36.75
CA GLY D 70 27.40 -24.47 -37.73
C GLY D 70 27.13 -25.02 -39.12
N ILE D 71 26.17 -25.93 -39.27
CA ILE D 71 25.84 -26.52 -40.55
C ILE D 71 24.44 -26.07 -40.94
N GLU D 72 24.33 -25.50 -42.13
CA GLU D 72 23.01 -25.03 -42.51
C GLU D 72 22.16 -26.19 -43.05
N PRO D 73 20.85 -26.14 -42.85
CA PRO D 73 19.98 -27.20 -43.35
C PRO D 73 19.79 -27.15 -44.86
N MET D 74 20.87 -27.10 -45.64
CA MET D 74 20.78 -27.02 -47.09
C MET D 74 21.86 -27.88 -47.72
N TRP D 75 21.55 -28.39 -48.93
CA TRP D 75 22.57 -29.09 -49.73
C TRP D 75 23.82 -28.25 -49.89
N GLU D 76 23.66 -26.92 -49.92
CA GLU D 76 24.77 -26.02 -50.20
C GLU D 76 25.92 -26.20 -49.22
N ASP D 77 25.61 -26.49 -47.95
CA ASP D 77 26.63 -26.50 -46.92
C ASP D 77 27.74 -27.50 -47.24
N GLU D 78 28.99 -27.08 -47.00
CA GLU D 78 30.14 -27.93 -47.29
C GLU D 78 30.09 -29.25 -46.53
N LYS D 79 29.47 -29.25 -45.35
CA LYS D 79 29.25 -30.49 -44.62
C LYS D 79 28.08 -31.30 -45.15
N ASN D 80 27.24 -30.70 -46.00
CA ASN D 80 26.18 -31.40 -46.71
C ASN D 80 26.52 -31.66 -48.16
N LYS D 81 27.67 -31.18 -48.63
CA LYS D 81 28.02 -31.35 -50.04
C LYS D 81 28.28 -32.80 -50.38
N ARG D 82 29.05 -33.49 -49.54
CA ARG D 82 29.47 -34.86 -49.80
C ARG D 82 28.61 -35.89 -49.09
N GLY D 83 27.53 -35.46 -48.44
CA GLY D 83 26.64 -36.34 -47.73
C GLY D 83 25.45 -36.78 -48.57
N GLY D 84 24.42 -37.23 -47.88
CA GLY D 84 23.18 -37.65 -48.52
C GLY D 84 22.03 -37.44 -47.59
N ARG D 85 21.12 -38.42 -47.54
CA ARG D 85 19.99 -38.37 -46.62
C ARG D 85 19.44 -39.78 -46.47
N TRP D 86 19.62 -40.38 -45.30
CA TRP D 86 18.97 -41.64 -44.97
C TRP D 86 17.49 -41.36 -44.70
N LEU D 87 16.64 -41.62 -45.69
CA LEU D 87 15.27 -41.12 -45.71
C LEU D 87 14.26 -42.16 -45.27
N ILE D 88 13.22 -41.70 -44.59
CA ILE D 88 12.09 -42.52 -44.19
C ILE D 88 10.86 -42.01 -44.91
N THR D 89 10.14 -42.93 -45.56
CA THR D 89 8.94 -42.61 -46.32
C THR D 89 7.73 -43.08 -45.53
N LEU D 90 6.83 -42.16 -45.21
CA LEU D 90 5.61 -42.49 -44.49
C LEU D 90 4.40 -42.03 -45.29
N ASN D 91 3.34 -42.84 -45.26
CA ASN D 91 2.14 -42.56 -46.02
C ASN D 91 1.23 -41.60 -45.25
N LYS D 92 0.09 -41.26 -45.86
CA LYS D 92 -0.81 -40.30 -45.24
C LYS D 92 -1.38 -40.82 -43.93
N GLN D 93 -1.56 -42.14 -43.80
CA GLN D 93 -2.06 -42.69 -42.55
C GLN D 93 -1.01 -42.57 -41.44
N GLN D 94 0.27 -42.68 -41.80
CA GLN D 94 1.34 -42.73 -40.80
C GLN D 94 1.59 -41.40 -40.11
N ARG D 95 1.10 -40.29 -40.69
CA ARG D 95 1.21 -39.01 -40.00
C ARG D 95 0.59 -39.09 -38.62
N ARG D 96 -0.65 -39.57 -38.54
CA ARG D 96 -1.27 -39.73 -37.23
C ARG D 96 -0.63 -40.88 -36.47
N SER D 97 -0.16 -41.90 -37.16
CA SER D 97 0.26 -43.14 -36.51
C SER D 97 1.72 -43.11 -36.06
N ASP D 98 2.61 -42.54 -36.85
CA ASP D 98 4.04 -42.74 -36.67
C ASP D 98 4.89 -41.47 -36.71
N LEU D 99 4.39 -40.36 -37.27
CA LEU D 99 5.26 -39.25 -37.64
C LEU D 99 5.90 -38.60 -36.41
N ASP D 100 5.10 -38.28 -35.39
CA ASP D 100 5.64 -37.59 -34.22
C ASP D 100 6.51 -38.52 -33.38
N ARG D 101 6.10 -39.78 -33.25
CA ARG D 101 6.91 -40.75 -32.50
C ARG D 101 8.25 -40.99 -33.19
N PHE D 102 8.26 -41.03 -34.51
CA PHE D 102 9.51 -41.25 -35.23
C PHE D 102 10.39 -40.02 -35.17
N TRP D 103 9.80 -38.83 -35.23
CA TRP D 103 10.58 -37.60 -35.23
C TRP D 103 11.21 -37.36 -33.86
N LEU D 104 10.49 -37.67 -32.77
CA LEU D 104 11.07 -37.43 -31.46
C LEU D 104 12.22 -38.39 -31.20
N GLU D 105 12.07 -39.66 -31.60
CA GLU D 105 13.18 -40.59 -31.46
C GLU D 105 14.35 -40.20 -32.36
N THR D 106 14.07 -39.70 -33.56
CA THR D 106 15.13 -39.14 -34.38
C THR D 106 15.92 -38.10 -33.59
N LEU D 107 15.23 -37.07 -33.10
CA LEU D 107 15.87 -36.00 -32.34
C LEU D 107 16.67 -36.55 -31.17
N LEU D 108 16.12 -37.54 -30.46
CA LEU D 108 16.79 -38.11 -29.30
C LEU D 108 18.04 -38.90 -29.71
N CYS D 109 17.96 -39.61 -30.84
CA CYS D 109 19.16 -40.23 -31.39
C CYS D 109 20.24 -39.20 -31.68
N LEU D 110 19.85 -38.03 -32.17
CA LEU D 110 20.86 -37.04 -32.56
C LEU D 110 21.46 -36.34 -31.35
N ILE D 111 20.62 -35.71 -30.52
CA ILE D 111 21.13 -34.98 -29.36
C ILE D 111 21.75 -35.94 -28.35
N GLY D 112 21.34 -37.19 -28.35
CA GLY D 112 21.93 -38.19 -27.48
C GLY D 112 23.19 -38.82 -28.02
N GLU D 113 23.54 -38.54 -29.28
CA GLU D 113 24.74 -39.09 -29.92
C GLU D 113 24.72 -40.62 -29.84
N SER D 114 23.56 -41.20 -30.17
CA SER D 114 23.31 -42.62 -30.02
C SER D 114 24.00 -43.48 -31.07
N PHE D 115 24.70 -42.86 -32.03
CA PHE D 115 25.39 -43.58 -33.09
C PHE D 115 26.76 -44.08 -32.68
N ASP D 116 27.12 -44.01 -31.39
CA ASP D 116 28.44 -44.38 -30.89
C ASP D 116 29.55 -43.55 -31.51
N ASP D 117 30.54 -44.23 -32.09
CA ASP D 117 31.74 -43.55 -32.56
C ASP D 117 31.47 -42.72 -33.81
N TYR D 118 30.60 -43.21 -34.69
CA TYR D 118 30.33 -42.53 -35.95
C TYR D 118 29.31 -41.40 -35.81
N SER D 119 28.99 -40.99 -34.59
CA SER D 119 28.09 -39.86 -34.39
C SER D 119 28.64 -38.58 -34.99
N ASP D 120 29.96 -38.51 -35.18
CA ASP D 120 30.59 -37.31 -35.73
C ASP D 120 30.12 -37.03 -37.15
N ASP D 121 29.73 -38.07 -37.88
CA ASP D 121 29.33 -37.94 -39.28
C ASP D 121 27.85 -37.60 -39.46
N VAL D 122 27.07 -37.54 -38.37
CA VAL D 122 25.69 -37.13 -38.45
C VAL D 122 25.64 -35.61 -38.51
N CYS D 123 25.00 -35.07 -39.53
CA CYS D 123 24.90 -33.61 -39.66
C CYS D 123 23.60 -33.09 -39.09
N GLY D 124 22.48 -33.65 -39.52
CA GLY D 124 21.19 -33.19 -39.02
C GLY D 124 20.09 -34.16 -39.40
N ALA D 125 18.86 -33.75 -39.11
CA ALA D 125 17.66 -34.50 -39.41
C ALA D 125 16.57 -33.53 -39.84
N VAL D 126 15.80 -33.90 -40.86
CA VAL D 126 14.75 -33.06 -41.40
C VAL D 126 13.43 -33.84 -41.42
N VAL D 127 12.35 -33.15 -41.09
CA VAL D 127 10.99 -33.65 -41.22
C VAL D 127 10.28 -32.77 -42.26
N ASN D 128 9.91 -33.37 -43.39
CA ASN D 128 9.08 -32.70 -44.38
C ASN D 128 7.62 -33.15 -44.21
N VAL D 129 6.77 -32.23 -43.80
CA VAL D 129 5.33 -32.47 -43.83
C VAL D 129 4.85 -32.07 -45.21
N ARG D 130 4.32 -33.04 -45.96
CA ARG D 130 3.96 -32.82 -47.35
C ARG D 130 2.65 -33.53 -47.67
N ALA D 131 1.89 -32.95 -48.59
CA ALA D 131 0.60 -33.51 -48.98
C ALA D 131 0.77 -34.91 -49.55
N LYS D 132 1.65 -35.05 -50.55
CA LYS D 132 1.90 -36.37 -51.15
C LYS D 132 2.31 -37.39 -50.09
N GLY D 133 3.29 -37.06 -49.27
CA GLY D 133 3.72 -37.97 -48.23
C GLY D 133 4.74 -37.29 -47.33
N ASP D 134 4.76 -37.66 -46.05
CA ASP D 134 5.69 -37.06 -45.11
C ASP D 134 6.96 -37.90 -45.02
N LYS D 135 8.09 -37.22 -44.76
CA LYS D 135 9.37 -37.90 -44.72
C LYS D 135 10.22 -37.38 -43.58
N ILE D 136 11.08 -38.28 -43.06
CA ILE D 136 12.05 -37.97 -42.02
C ILE D 136 13.36 -38.59 -42.45
N ALA D 137 14.44 -37.82 -42.36
CA ALA D 137 15.74 -38.27 -42.82
C ALA D 137 16.81 -37.80 -41.85
N ILE D 138 17.91 -38.53 -41.81
CA ILE D 138 19.10 -38.16 -41.03
C ILE D 138 20.19 -37.83 -42.03
N TRP D 139 20.60 -36.56 -42.06
CA TRP D 139 21.63 -36.13 -42.99
C TRP D 139 23.00 -36.43 -42.41
N THR D 140 23.86 -37.04 -43.22
CA THR D 140 25.22 -37.35 -42.81
C THR D 140 26.19 -36.69 -43.78
S1 AKW E . 6.52 -20.72 5.60
P1 AKW E . 12.52 -19.81 4.33
O1 AKW E . 13.33 -20.90 3.71
O2 AKW E . 13.01 -18.46 3.97
O3 AKW E . 11.00 -19.77 3.81
P2 AKW E . 10.04 -21.06 3.86
O4 AKW E . 10.60 -22.29 3.25
O5 AKW E . 8.82 -20.62 3.15
O6 AKW E . 9.56 -21.25 5.39
P3 AKW E . 8.49 -20.24 6.04
O7 AKW E . 8.77 -20.19 7.49
O8 AKW E . 8.84 -18.89 5.53
S2 AKW E . 12.47 -19.85 6.44
C1 AKW E . 12.45 -21.65 6.81
C2 AKW E . 13.55 -22.09 7.80
O9 AKW E . 14.85 -22.04 7.17
C3 AKW E . 13.71 -21.12 8.96
O10 AKW E . 12.67 -21.33 9.93
C4 AKW E . 15.04 -21.55 9.52
O11 AKW E . 14.98 -22.86 10.12
C5 AKW E . 15.81 -21.62 8.21
N1 AKW E . 16.40 -20.34 7.74
C6 AKW E . 16.01 -19.60 6.72
N2 AKW E . 16.83 -18.55 6.63
C7 AKW E . 16.64 -17.54 5.57
C8 AKW E . 17.72 -18.62 7.62
C9 AKW E . 17.44 -19.75 8.30
N3 AKW E . 18.18 -20.12 9.36
C10 AKW E . 19.22 -19.35 9.75
N4 AKW E . 19.97 -19.67 10.80
N5 AKW E . 19.49 -18.22 9.07
C11 AKW E . 18.76 -17.87 8.02
O12 AKW E . 19.07 -16.71 7.36
S1 AKW F . -21.52 1.82 -0.73
P1 AKW F . -20.91 7.81 -2.15
O1 AKW F . -21.90 8.67 -1.45
O2 AKW F . -19.62 8.49 -2.46
O3 AKW F . -20.43 6.57 -1.24
P2 AKW F . -21.46 5.54 -0.55
O4 AKW F . -22.59 6.10 0.23
O5 AKW F . -20.57 4.78 0.37
O6 AKW F . -21.93 4.58 -1.75
P3 AKW F . -21.08 3.30 -2.13
O7 AKW F . -21.39 2.91 -3.53
O8 AKW F . -19.66 3.71 -2.18
S2 AKW F . -21.54 6.98 -4.01
C1 AKW F . -23.30 6.61 -3.62
C2 AKW F . -24.29 7.15 -4.68
O9 AKW F . -24.42 8.57 -4.54
C3 AKW F . -23.74 7.00 -6.07
O10 AKW F . -23.92 5.64 -6.51
C4 AKW F . -24.67 7.91 -6.81
O11 AKW F . -26.01 7.43 -6.73
C5 AKW F . -24.56 9.11 -5.91
N1 AKW F . -23.38 9.96 -6.14
C6 AKW F . -22.30 10.13 -5.39
N2 AKW F . -21.50 11.02 -6.01
C7 AKW F . -20.22 11.42 -5.43
C8 AKW F . -22.11 11.43 -7.13
C9 AKW F . -23.27 10.75 -7.21
N3 AKW F . -24.10 10.95 -8.24
C10 AKW F . -23.77 11.82 -9.20
N4 AKW F . -24.59 12.03 -10.23
N5 AKW F . -22.61 12.49 -9.15
C11 AKW F . -21.79 12.29 -8.10
O12 AKW F . -20.60 12.98 -8.04
K K G . -25.64 22.31 -7.53
#